data_4R0R
# 
_entry.id   4R0R 
# 
_audit_conform.dict_name       mmcif_pdbx.dic 
_audit_conform.dict_version    5.398 
_audit_conform.dict_location   http://mmcif.pdb.org/dictionaries/ascii/mmcif_pdbx.dic 
# 
loop_
_database_2.database_id 
_database_2.database_code 
_database_2.pdbx_database_accession 
_database_2.pdbx_DOI 
PDB   4R0R         pdb_00004r0r 10.2210/pdb4r0r/pdb 
RCSB  RCSB086754   ?            ?                   
WWPDB D_1000086754 ?            ?                   
# 
loop_
_pdbx_audit_revision_history.ordinal 
_pdbx_audit_revision_history.data_content_type 
_pdbx_audit_revision_history.major_revision 
_pdbx_audit_revision_history.minor_revision 
_pdbx_audit_revision_history.revision_date 
1 'Structure model' 1 0 2014-10-22 
2 'Structure model' 1 1 2015-04-15 
3 'Structure model' 1 2 2024-04-03 
4 'Structure model' 1 3 2024-11-06 
# 
_pdbx_audit_revision_details.ordinal             1 
_pdbx_audit_revision_details.revision_ordinal    1 
_pdbx_audit_revision_details.data_content_type   'Structure model' 
_pdbx_audit_revision_details.provider            repository 
_pdbx_audit_revision_details.type                'Initial release' 
_pdbx_audit_revision_details.description         ? 
_pdbx_audit_revision_details.details             ? 
# 
loop_
_pdbx_audit_revision_group.ordinal 
_pdbx_audit_revision_group.revision_ordinal 
_pdbx_audit_revision_group.data_content_type 
_pdbx_audit_revision_group.group 
1 2 'Structure model' 'Database references'    
2 3 'Structure model' 'Data collection'        
3 3 'Structure model' 'Database references'    
4 3 'Structure model' 'Derived calculations'   
5 3 'Structure model' 'Refinement description' 
6 4 'Structure model' 'Structure summary'      
# 
loop_
_pdbx_audit_revision_category.ordinal 
_pdbx_audit_revision_category.revision_ordinal 
_pdbx_audit_revision_category.data_content_type 
_pdbx_audit_revision_category.category 
1 3 'Structure model' chem_comp_atom                
2 3 'Structure model' chem_comp_bond                
3 3 'Structure model' database_2                    
4 3 'Structure model' pdbx_initial_refinement_model 
5 3 'Structure model' struct_conn                   
6 4 'Structure model' pdbx_entry_details            
7 4 'Structure model' pdbx_modification_feature     
# 
loop_
_pdbx_audit_revision_item.ordinal 
_pdbx_audit_revision_item.revision_ordinal 
_pdbx_audit_revision_item.data_content_type 
_pdbx_audit_revision_item.item 
1 3 'Structure model' '_database_2.pdbx_DOI'                
2 3 'Structure model' '_database_2.pdbx_database_accession' 
3 3 'Structure model' '_struct_conn.pdbx_leaving_atom_flag' 
# 
_pdbx_database_status.entry_id                        4R0R 
_pdbx_database_status.deposit_site                    RCSB 
_pdbx_database_status.process_site                    RCSB 
_pdbx_database_status.recvd_initial_deposition_date   2014-08-01 
_pdbx_database_status.status_code                     REL 
_pdbx_database_status.status_code_sf                  REL 
_pdbx_database_status.status_code_mr                  ? 
_pdbx_database_status.SG_entry                        ? 
_pdbx_database_status.status_code_cs                  ? 
_pdbx_database_status.methods_development_category    ? 
_pdbx_database_status.pdb_format_compatible           Y 
_pdbx_database_status.status_code_nmr_data            ? 
# 
loop_
_pdbx_database_related.db_name 
_pdbx_database_related.db_id 
_pdbx_database_related.details 
_pdbx_database_related.content_type 
PDB 1EBO . unspecified 
PDB 2EBO . unspecified 
# 
loop_
_audit_author.name 
_audit_author.pdbx_ordinal 
'Clinton, T.R.'      1  
'Weinstock, M.T.'    2  
'Jacobsen, M.T.'     3  
'Szabo-Fresnais, N.' 4  
'Pandya, M.J.'       5  
'Whitby, F.G.'       6  
'Herbert, A.S.'      7  
'Prugar, L.I.'       8  
'McKinnon, R.'       9  
'Hill, C.P.'         10 
'Welch, B.D.'        11 
'Dye, J.M.'          12 
'Eckert, D.M.'       13 
'Kay, M.S.'          14 
# 
_citation.id                        primary 
_citation.title                     'Design and characterization of ebolavirus GP prehairpin intermediate mimics as drug targets.' 
_citation.journal_abbrev            'Protein Sci.' 
_citation.journal_volume            24 
_citation.page_first                446 
_citation.page_last                 463 
_citation.year                      2015 
_citation.journal_id_ASTM           PRCIEI 
_citation.country                   US 
_citation.journal_id_ISSN           0961-8368 
_citation.journal_id_CSD            0795 
_citation.book_publisher            ? 
_citation.pdbx_database_id_PubMed   25287718 
_citation.pdbx_database_id_DOI      10.1002/pro.2578 
# 
loop_
_citation_author.citation_id 
_citation_author.name 
_citation_author.ordinal 
_citation_author.identifier_ORCID 
primary 'Clinton, T.R.'      1  ? 
primary 'Weinstock, M.T.'    2  ? 
primary 'Jacobsen, M.T.'     3  ? 
primary 'Szabo-Fresnais, N.' 4  ? 
primary 'Pandya, M.J.'       5  ? 
primary 'Whitby, F.G.'       6  ? 
primary 'Herbert, A.S.'      7  ? 
primary 'Prugar, L.I.'       8  ? 
primary 'McKinnon, R.'       9  ? 
primary 'Hill, C.P.'         10 ? 
primary 'Welch, B.D.'        11 ? 
primary 'Dye, J.M.'          12 ? 
primary 'Eckert, D.M.'       13 ? 
primary 'Kay, M.S.'          14 ? 
# 
loop_
_entity.id 
_entity.type 
_entity.src_method 
_entity.pdbx_description 
_entity.formula_weight 
_entity.pdbx_number_of_molecules 
_entity.pdbx_ec 
_entity.pdbx_mutation 
_entity.pdbx_fragment 
_entity.details 
1 polymer syn eboIZN21 5621.546 1 ? ? ? ? 
2 water   nat water    18.015   6 ? ? ? ? 
# 
_entity_poly.entity_id                      1 
_entity_poly.type                           'polypeptide(L)' 
_entity_poly.nstd_linkage                   no 
_entity_poly.nstd_monomer                   yes 
_entity_poly.pdbx_seq_one_letter_code       '(ACE)YGIKKEIEAIKKEQEAIKKKIEAIEKELRQLANETTQALQLFLRATTE(NH2)' 
_entity_poly.pdbx_seq_one_letter_code_can   XYGIKKEIEAIKKEQEAIKKKIEAIEKELRQLANETTQALQLFLRATTEX 
_entity_poly.pdbx_strand_id                 A 
_entity_poly.pdbx_target_identifier         ? 
# 
_pdbx_entity_nonpoly.entity_id   2 
_pdbx_entity_nonpoly.name        water 
_pdbx_entity_nonpoly.comp_id     HOH 
# 
loop_
_entity_poly_seq.entity_id 
_entity_poly_seq.num 
_entity_poly_seq.mon_id 
_entity_poly_seq.hetero 
1 1  ACE n 
1 2  TYR n 
1 3  GLY n 
1 4  ILE n 
1 5  LYS n 
1 6  LYS n 
1 7  GLU n 
1 8  ILE n 
1 9  GLU n 
1 10 ALA n 
1 11 ILE n 
1 12 LYS n 
1 13 LYS n 
1 14 GLU n 
1 15 GLN n 
1 16 GLU n 
1 17 ALA n 
1 18 ILE n 
1 19 LYS n 
1 20 LYS n 
1 21 LYS n 
1 22 ILE n 
1 23 GLU n 
1 24 ALA n 
1 25 ILE n 
1 26 GLU n 
1 27 LYS n 
1 28 GLU n 
1 29 LEU n 
1 30 ARG n 
1 31 GLN n 
1 32 LEU n 
1 33 ALA n 
1 34 ASN n 
1 35 GLU n 
1 36 THR n 
1 37 THR n 
1 38 GLN n 
1 39 ALA n 
1 40 LEU n 
1 41 GLN n 
1 42 LEU n 
1 43 PHE n 
1 44 LEU n 
1 45 ARG n 
1 46 ALA n 
1 47 THR n 
1 48 THR n 
1 49 GLU n 
1 50 NH2 n 
# 
_pdbx_entity_src_syn.entity_id              1 
_pdbx_entity_src_syn.pdbx_src_id            1 
_pdbx_entity_src_syn.pdbx_alt_source_flag   sample 
_pdbx_entity_src_syn.pdbx_beg_seq_num       ? 
_pdbx_entity_src_syn.pdbx_end_seq_num       ? 
_pdbx_entity_src_syn.organism_scientific    'synthetic construct' 
_pdbx_entity_src_syn.organism_common_name   ? 
_pdbx_entity_src_syn.ncbi_taxonomy_id       32630 
_pdbx_entity_src_syn.details                ? 
# 
loop_
_chem_comp.id 
_chem_comp.type 
_chem_comp.mon_nstd_flag 
_chem_comp.name 
_chem_comp.pdbx_synonyms 
_chem_comp.formula 
_chem_comp.formula_weight 
ACE non-polymer         . 'ACETYL GROUP'  ? 'C2 H4 O'        44.053  
ALA 'L-peptide linking' y ALANINE         ? 'C3 H7 N O2'     89.093  
ARG 'L-peptide linking' y ARGININE        ? 'C6 H15 N4 O2 1' 175.209 
ASN 'L-peptide linking' y ASPARAGINE      ? 'C4 H8 N2 O3'    132.118 
GLN 'L-peptide linking' y GLUTAMINE       ? 'C5 H10 N2 O3'   146.144 
GLU 'L-peptide linking' y 'GLUTAMIC ACID' ? 'C5 H9 N O4'     147.129 
GLY 'peptide linking'   y GLYCINE         ? 'C2 H5 N O2'     75.067  
HOH non-polymer         . WATER           ? 'H2 O'           18.015  
ILE 'L-peptide linking' y ISOLEUCINE      ? 'C6 H13 N O2'    131.173 
LEU 'L-peptide linking' y LEUCINE         ? 'C6 H13 N O2'    131.173 
LYS 'L-peptide linking' y LYSINE          ? 'C6 H15 N2 O2 1' 147.195 
NH2 non-polymer         . 'AMINO GROUP'   ? 'H2 N'           16.023  
PHE 'L-peptide linking' y PHENYLALANINE   ? 'C9 H11 N O2'    165.189 
THR 'L-peptide linking' y THREONINE       ? 'C4 H9 N O3'     119.119 
TYR 'L-peptide linking' y TYROSINE        ? 'C9 H11 N O3'    181.189 
# 
loop_
_pdbx_poly_seq_scheme.asym_id 
_pdbx_poly_seq_scheme.entity_id 
_pdbx_poly_seq_scheme.seq_id 
_pdbx_poly_seq_scheme.mon_id 
_pdbx_poly_seq_scheme.ndb_seq_num 
_pdbx_poly_seq_scheme.pdb_seq_num 
_pdbx_poly_seq_scheme.auth_seq_num 
_pdbx_poly_seq_scheme.pdb_mon_id 
_pdbx_poly_seq_scheme.auth_mon_id 
_pdbx_poly_seq_scheme.pdb_strand_id 
_pdbx_poly_seq_scheme.pdb_ins_code 
_pdbx_poly_seq_scheme.hetero 
A 1 1  ACE 1  530 530 ACE ACE A . n 
A 1 2  TYR 2  531 531 TYR TYR A . n 
A 1 3  GLY 3  532 532 GLY GLY A . n 
A 1 4  ILE 4  533 533 ILE ILE A . n 
A 1 5  LYS 5  534 534 LYS LYS A . n 
A 1 6  LYS 6  535 535 LYS LYS A . n 
A 1 7  GLU 7  536 536 GLU GLU A . n 
A 1 8  ILE 8  537 537 ILE ILE A . n 
A 1 9  GLU 9  538 538 GLU GLU A . n 
A 1 10 ALA 10 539 539 ALA ALA A . n 
A 1 11 ILE 11 540 540 ILE ILE A . n 
A 1 12 LYS 12 541 541 LYS LYS A . n 
A 1 13 LYS 13 542 542 LYS LYS A . n 
A 1 14 GLU 14 543 543 GLU GLU A . n 
A 1 15 GLN 15 544 544 GLN GLN A . n 
A 1 16 GLU 16 545 545 GLU GLU A . n 
A 1 17 ALA 17 546 546 ALA ALA A . n 
A 1 18 ILE 18 547 547 ILE ILE A . n 
A 1 19 LYS 19 548 548 LYS LYS A . n 
A 1 20 LYS 20 549 549 LYS LYS A . n 
A 1 21 LYS 21 550 550 LYS LYS A . n 
A 1 22 ILE 22 551 551 ILE ILE A . n 
A 1 23 GLU 23 552 552 GLU GLU A . n 
A 1 24 ALA 24 553 553 ALA ALA A . n 
A 1 25 ILE 25 554 554 ILE ILE A . n 
A 1 26 GLU 26 555 555 GLU GLU A . n 
A 1 27 LYS 27 556 556 LYS LYS A . n 
A 1 28 GLU 28 557 557 GLU GLU A . n 
A 1 29 LEU 29 558 558 LEU LEU A . n 
A 1 30 ARG 30 559 559 ARG ARG A . n 
A 1 31 GLN 31 560 560 GLN GLN A . n 
A 1 32 LEU 32 561 561 LEU LEU A . n 
A 1 33 ALA 33 562 562 ALA ALA A . n 
A 1 34 ASN 34 563 563 ASN ASN A . n 
A 1 35 GLU 35 564 564 GLU GLU A . n 
A 1 36 THR 36 565 565 THR THR A . n 
A 1 37 THR 37 566 566 THR THR A . n 
A 1 38 GLN 38 567 567 GLN GLN A . n 
A 1 39 ALA 39 568 568 ALA ALA A . n 
A 1 40 LEU 40 569 569 LEU LEU A . n 
A 1 41 GLN 41 570 570 GLN GLN A . n 
A 1 42 LEU 42 571 571 LEU LEU A . n 
A 1 43 PHE 43 572 572 PHE PHE A . n 
A 1 44 LEU 44 573 573 LEU LEU A . n 
A 1 45 ARG 45 574 574 ARG ARG A . n 
A 1 46 ALA 46 575 575 ALA ALA A . n 
A 1 47 THR 47 576 576 THR THR A . n 
A 1 48 THR 48 577 577 THR THR A . n 
A 1 49 GLU 49 578 578 GLU GLU A . n 
A 1 50 NH2 50 579 579 NH2 NH2 A . n 
# 
loop_
_pdbx_nonpoly_scheme.asym_id 
_pdbx_nonpoly_scheme.entity_id 
_pdbx_nonpoly_scheme.mon_id 
_pdbx_nonpoly_scheme.ndb_seq_num 
_pdbx_nonpoly_scheme.pdb_seq_num 
_pdbx_nonpoly_scheme.auth_seq_num 
_pdbx_nonpoly_scheme.pdb_mon_id 
_pdbx_nonpoly_scheme.auth_mon_id 
_pdbx_nonpoly_scheme.pdb_strand_id 
_pdbx_nonpoly_scheme.pdb_ins_code 
B 2 HOH 1 601 1 HOH HOH A . 
B 2 HOH 2 602 2 HOH HOH A . 
B 2 HOH 3 603 3 HOH HOH A . 
B 2 HOH 4 604 4 HOH HOH A . 
B 2 HOH 5 605 5 HOH HOH A . 
B 2 HOH 6 606 6 HOH HOH A . 
# 
loop_
_software.pdbx_ordinal 
_software.name 
_software.version 
_software.date 
_software.type 
_software.contact_author 
_software.contact_author_email 
_software.classification 
_software.location 
_software.language 
_software.citation_id 
1 SCALEPACK   .        ?               program 'Zbyszek Otwinowski' hkl@hkl-xray.com            'data scaling'    
http://www.hkl-xray.com/                    ?   ? 
2 PHASER      .        ?               program 'Randy J. Read'      cimr-phaser@lists.cam.ac.uk phasing           
http://www-structmed.cimr.cam.ac.uk/phaser/ ?   ? 
3 PHENIX      1.9_1692 ?               package 'Paul D. Adams'      PDAdams@lbl.gov             refinement        
http://www.phenix-online.org/               C++ ? 
4 PDB_EXTRACT 3.14     'Dec. 10, 2013' package PDB                  deposit@deposit.rcsb.org    'data extraction' 
http://sw-tools.pdb.org/apps/PDB_EXTRACT/   C++ ? 
5 ADSC        Quantum  ?               ?       ?                    ?                           'data collection' ? ?   ? 
6 HKL-2000    .        ?               ?       ?                    ?                           'data reduction'  ? ?   ? 
# 
_cell.length_a           38.510 
_cell.length_b           38.510 
_cell.length_c           72.588 
_cell.angle_alpha        90.000 
_cell.angle_beta         90.000 
_cell.angle_gamma        120.000 
_cell.entry_id           4R0R 
_cell.pdbx_unique_axis   ? 
_cell.Z_PDB              6 
_cell.length_a_esd       ? 
_cell.length_b_esd       ? 
_cell.length_c_esd       ? 
_cell.angle_alpha_esd    ? 
_cell.angle_beta_esd     ? 
_cell.angle_gamma_esd    ? 
# 
_symmetry.space_group_name_H-M             'P 3 2 1' 
_symmetry.entry_id                         4R0R 
_symmetry.Int_Tables_number                150 
_symmetry.pdbx_full_space_group_name_H-M   ? 
_symmetry.cell_setting                     ? 
_symmetry.space_group_name_Hall            ? 
# 
_exptl.crystals_number   1 
_exptl.entry_id          4R0R 
_exptl.method            'X-RAY DIFFRACTION' 
# 
_exptl_crystal.id                    1 
_exptl_crystal.density_Matthews      2.76 
_exptl_crystal.density_meas          ? 
_exptl_crystal.density_percent_sol   55.50 
_exptl_crystal.description           ? 
_exptl_crystal.F_000                 ? 
_exptl_crystal.preparation           ? 
# 
_exptl_crystal_grow.crystal_id      1 
_exptl_crystal_grow.method          'VAPOR DIFFUSION, SITTING DROP' 
_exptl_crystal_grow.pH              7.5 
_exptl_crystal_grow.temp            277 
_exptl_crystal_grow.temp_details    ? 
_exptl_crystal_grow.pdbx_details    
;Synthetic peptide (protein) eboIZN21 dissolved in ddH2O at 10 mg/ml mixed in 2:1 protein:well buffer ratio with 30% (v/v) 1,2-propanediol, 100 mM HEPES pH 7.5, 20% (v/v) PEG-400 at 4 degrees Celcius (277 K), VAPOR DIFFUSION, SITTING DROP
;
_exptl_crystal_grow.pdbx_pH_range   ? 
# 
_diffrn.id                     1 
_diffrn.ambient_temp           100 
_diffrn.ambient_temp_details   ? 
_diffrn.crystal_id             1 
# 
_diffrn_detector.diffrn_id              1 
_diffrn_detector.detector               CCD 
_diffrn_detector.type                   'ADSC QUANTUM 315r' 
_diffrn_detector.pdbx_collection_date   2014-05-18 
_diffrn_detector.details                ? 
# 
_diffrn_radiation.diffrn_id                        1 
_diffrn_radiation.wavelength_id                    1 
_diffrn_radiation.pdbx_diffrn_protocol             'SINGLE WAVELENGTH' 
_diffrn_radiation.monochromator                    Synchrotron 
_diffrn_radiation.pdbx_monochromatic_or_laue_m_l   M 
_diffrn_radiation.pdbx_scattering_type             x-ray 
# 
_diffrn_radiation_wavelength.id           1 
_diffrn_radiation_wavelength.wavelength   1.10 
_diffrn_radiation_wavelength.wt           1.0 
# 
_diffrn_source.diffrn_id                   1 
_diffrn_source.source                      SYNCHROTRON 
_diffrn_source.type                        'SSRL BEAMLINE BL7-1' 
_diffrn_source.pdbx_wavelength             ? 
_diffrn_source.pdbx_wavelength_list        1.10 
_diffrn_source.pdbx_synchrotron_site       SSRL 
_diffrn_source.pdbx_synchrotron_beamline   BL7-1 
# 
_reflns.entry_id                     4R0R 
_reflns.d_resolution_high            2.150 
_reflns.d_resolution_low             40.000 
_reflns.number_obs                   3680 
_reflns.pdbx_Rmerge_I_obs            0.054 
_reflns.pdbx_netI_over_sigmaI        16.700 
_reflns.pdbx_chi_squared             1.091 
_reflns.pdbx_redundancy              25.600 
_reflns.percent_possible_obs         99.900 
_reflns.B_iso_Wilson_estimate        47.660 
_reflns.observed_criterion_sigma_F   0.0 
_reflns.observed_criterion_sigma_I   0.0 
_reflns.number_all                   ? 
_reflns.R_free_details               ? 
_reflns.limit_h_max                  ? 
_reflns.limit_h_min                  ? 
_reflns.limit_k_max                  ? 
_reflns.limit_k_min                  ? 
_reflns.limit_l_max                  ? 
_reflns.limit_l_min                  ? 
_reflns.observed_criterion_F_max     ? 
_reflns.observed_criterion_F_min     ? 
_reflns.pdbx_scaling_rejects         ? 
_reflns.pdbx_ordinal                 1 
_reflns.pdbx_diffrn_id               1 
_reflns.pdbx_Rsym_value              ? 
# 
loop_
_reflns_shell.d_res_high 
_reflns_shell.d_res_low 
_reflns_shell.number_measured_obs 
_reflns_shell.number_measured_all 
_reflns_shell.number_unique_obs 
_reflns_shell.Rmerge_I_obs 
_reflns_shell.meanI_over_sigI_obs 
_reflns_shell.pdbx_Rsym_value 
_reflns_shell.pdbx_chi_squared 
_reflns_shell.pdbx_redundancy 
_reflns_shell.percent_possible_obs 
_reflns_shell.number_unique_all 
_reflns_shell.percent_possible_all 
_reflns_shell.pdbx_ordinal 
_reflns_shell.pdbx_diffrn_id 
2.150 2.230  ? ? ? 0.914 ? ? 1.172 14.900 ? 347 99.700  1  1 
2.230 2.320  ? ? ? 0.789 ? ? 1.510 16.500 ? 342 99.700  2  1 
2.320 2.420  ? ? ? 0.415 ? ? 1.157 19.700 ? 370 99.700  3  1 
2.420 2.550  ? ? ? 0.404 ? ? 1.030 23.000 ? 358 100.000 4  1 
2.550 2.710  ? ? ? 0.259 ? ? 1.094 23.400 ? 356 100.000 5  1 
2.710 2.920  ? ? ? 0.163 ? ? 1.038 24.100 ? 364 100.000 6  1 
2.920 3.210  ? ? ? 0.110 ? ? 1.054 25.000 ? 373 100.000 7  1 
3.210 3.680  ? ? ? 0.077 ? ? 0.955 27.700 ? 366 100.000 8  1 
3.680 4.630  ? ? ? 0.049 ? ? 1.050 37.300 ? 381 100.000 9  1 
4.630 40.000 ? ? ? 0.036 ? ? 1.096 40.500 ? 423 100.000 10 1 
# 
_refine.entry_id                                 4R0R 
_refine.ls_d_res_high                            2.1500 
_refine.ls_d_res_low                             19.5850 
_refine.pdbx_ls_sigma_F                          1.340 
_refine.pdbx_data_cutoff_high_absF               ? 
_refine.pdbx_data_cutoff_low_absF                ? 
_refine.ls_percent_reflns_obs                    98.5900 
_refine.ls_number_reflns_obs                     3636 
_refine.ls_number_reflns_all                     ? 
_refine.pdbx_ls_cross_valid_method               ? 
_refine.pdbx_R_Free_selection_details            random 
_refine.details                                  ? 
_refine.ls_R_factor_obs                          0.2742 
_refine.ls_R_factor_R_work                       0.2724 
_refine.ls_wR_factor_R_work                      ? 
_refine.ls_R_factor_R_free                       0.2937 
_refine.ls_wR_factor_R_free                      ? 
_refine.ls_percent_reflns_R_free                 9.7600 
_refine.ls_number_reflns_R_free                  355 
_refine.ls_R_factor_R_free_error                 ? 
_refine.B_iso_mean                               69.0150 
_refine.solvent_model_param_bsol                 ? 
_refine.solvent_model_param_ksol                 ? 
_refine.pdbx_isotropic_thermal_model             ? 
_refine.aniso_B[1][1]                            ? 
_refine.aniso_B[2][2]                            ? 
_refine.aniso_B[3][3]                            ? 
_refine.aniso_B[1][2]                            ? 
_refine.aniso_B[1][3]                            ? 
_refine.aniso_B[2][3]                            ? 
_refine.correlation_coeff_Fo_to_Fc               ? 
_refine.correlation_coeff_Fo_to_Fc_free          ? 
_refine.overall_SU_R_Cruickshank_DPI             ? 
_refine.overall_SU_R_free                        ? 
_refine.pdbx_overall_ESU_R                       ? 
_refine.pdbx_overall_ESU_R_Free                  ? 
_refine.overall_SU_ML                            0.3700 
_refine.overall_SU_B                             ? 
_refine.solvent_model_details                    'FLAT BULK SOLVENT MODEL' 
_refine.pdbx_solvent_vdw_probe_radii             1.1100 
_refine.pdbx_solvent_ion_probe_radii             ? 
_refine.pdbx_solvent_shrinkage_radii             0.9000 
_refine.ls_number_parameters                     ? 
_refine.ls_number_restraints                     ? 
_refine.pdbx_starting_model                      'CANONICAL HELICAL MODEL OF IZN AND N-TRIMER MODEL' 
_refine.pdbx_method_to_determine_struct          'MOLECULAR REPLACEMENT' 
_refine.pdbx_stereochemistry_target_values       ML 
_refine.pdbx_stereochem_target_val_spec_case     ? 
_refine.overall_FOM_work_R_set                   ? 
_refine.B_iso_max                                164.590 
_refine.B_iso_min                                40.630 
_refine.pdbx_overall_phase_error                 42.4900 
_refine.occupancy_max                            ? 
_refine.occupancy_min                            ? 
_refine.pdbx_ls_sigma_I                          ? 
_refine.ls_redundancy_reflns_obs                 ? 
_refine.ls_R_factor_R_free_error_details         ? 
_refine.pdbx_data_cutoff_high_rms_absF           ? 
_refine.overall_FOM_free_R_set                   ? 
_refine.pdbx_diffrn_id                           1 
_refine.pdbx_refine_id                           'X-RAY DIFFRACTION' 
_refine.ls_R_factor_all                          ? 
_refine.pdbx_TLS_residual_ADP_flag               ? 
_refine.pdbx_overall_SU_R_free_Cruickshank_DPI   ? 
_refine.pdbx_overall_SU_R_Blow_DPI               ? 
_refine.pdbx_overall_SU_R_free_Blow_DPI          ? 
# 
_refine_hist.pdbx_refine_id                   'X-RAY DIFFRACTION' 
_refine_hist.cycle_id                         LAST 
_refine_hist.pdbx_number_atoms_protein        396 
_refine_hist.pdbx_number_atoms_nucleic_acid   0 
_refine_hist.pdbx_number_atoms_ligand         0 
_refine_hist.number_atoms_solvent             6 
_refine_hist.number_atoms_total               402 
_refine_hist.d_res_high                       2.1500 
_refine_hist.d_res_low                        19.5850 
# 
loop_
_refine_ls_restr.type 
_refine_ls_restr.number 
_refine_ls_restr.dev_ideal 
_refine_ls_restr.dev_ideal_target 
_refine_ls_restr.weight 
_refine_ls_restr.pdbx_restraint_function 
_refine_ls_restr.pdbx_refine_id 
f_bond_d           397 0.002  ? ? ? 'X-RAY DIFFRACTION' 
f_angle_d          528 0.503  ? ? ? 'X-RAY DIFFRACTION' 
f_chiral_restr     62  0.021  ? ? ? 'X-RAY DIFFRACTION' 
f_plane_restr      66  0.001  ? ? ? 'X-RAY DIFFRACTION' 
f_dihedral_angle_d 163 15.524 ? ? ? 'X-RAY DIFFRACTION' 
# 
loop_
_refine_ls_shell.d_res_high 
_refine_ls_shell.d_res_low 
_refine_ls_shell.pdbx_total_number_of_bins_used 
_refine_ls_shell.percent_reflns_obs 
_refine_ls_shell.number_reflns_R_work 
_refine_ls_shell.R_factor_all 
_refine_ls_shell.R_factor_R_work 
_refine_ls_shell.R_factor_R_free 
_refine_ls_shell.percent_reflns_R_free 
_refine_ls_shell.number_reflns_R_free 
_refine_ls_shell.R_factor_R_free_error 
_refine_ls_shell.number_reflns_all 
_refine_ls_shell.number_reflns_obs 
_refine_ls_shell.redundancy_reflns_obs 
_refine_ls_shell.pdbx_refine_id 
2.150  2.4610 3 99.0000  1066 . 0.3155 0.4319 . 113 . 1179 . . 'X-RAY DIFFRACTION' 
2.4610 3.0987 3 100.0000 1086 . 0.3045 0.3213 . 112 . 1198 . . 'X-RAY DIFFRACTION' 
3.0987 19.585 3 97.0000  1129 . 0.2559 0.2663 . 130 . 1259 . . 'X-RAY DIFFRACTION' 
# 
_struct.entry_id                  4R0R 
_struct.title                     'Ebolavirus GP Prehairpin Intermediate Mimic' 
_struct.pdbx_model_details        ? 
_struct.pdbx_CASP_flag            ? 
_struct.pdbx_model_type_details   ? 
# 
_struct_keywords.entry_id        4R0R 
_struct_keywords.pdbx_keywords   'BIOSYNTHETIC PROTEIN' 
_struct_keywords.text            'coiled-coil, N-trimer, prehairpin intermediate, BIOSYNTHETIC PROTEIN' 
# 
loop_
_struct_asym.id 
_struct_asym.pdbx_blank_PDB_chainid_flag 
_struct_asym.pdbx_modified 
_struct_asym.entity_id 
_struct_asym.details 
A N N 1 ? 
B N N 2 ? 
# 
_struct_ref.id                         1 
_struct_ref.db_name                    PDB 
_struct_ref.db_code                    4R0R 
_struct_ref.pdbx_db_accession          4R0R 
_struct_ref.entity_id                  1 
_struct_ref.pdbx_align_begin           ? 
_struct_ref.pdbx_seq_one_letter_code   XYGIKKEIEAIKKEQEAIKKKIEAIEKELRQLANETTQALQLFLRATTEX 
_struct_ref.pdbx_db_isoform            ? 
# 
_struct_ref_seq.align_id                      1 
_struct_ref_seq.ref_id                        1 
_struct_ref_seq.pdbx_PDB_id_code              4R0R 
_struct_ref_seq.pdbx_strand_id                A 
_struct_ref_seq.seq_align_beg                 1 
_struct_ref_seq.pdbx_seq_align_beg_ins_code   ? 
_struct_ref_seq.seq_align_end                 50 
_struct_ref_seq.pdbx_seq_align_end_ins_code   ? 
_struct_ref_seq.pdbx_db_accession             4R0R 
_struct_ref_seq.db_align_beg                  530 
_struct_ref_seq.pdbx_db_align_beg_ins_code    ? 
_struct_ref_seq.db_align_end                  579 
_struct_ref_seq.pdbx_db_align_end_ins_code    ? 
_struct_ref_seq.pdbx_auth_seq_align_beg       530 
_struct_ref_seq.pdbx_auth_seq_align_end       579 
# 
_pdbx_struct_assembly.id                   1 
_pdbx_struct_assembly.details              author_and_software_defined_assembly 
_pdbx_struct_assembly.method_details       PISA 
_pdbx_struct_assembly.oligomeric_details   trimeric 
_pdbx_struct_assembly.oligomeric_count     3 
# 
loop_
_pdbx_struct_assembly_prop.biol_id 
_pdbx_struct_assembly_prop.type 
_pdbx_struct_assembly_prop.value 
_pdbx_struct_assembly_prop.details 
1 'ABSA (A^2)' 5000 ? 
1 MORE         -49  ? 
1 'SSA (A^2)'  9980 ? 
# 
_pdbx_struct_assembly_gen.assembly_id       1 
_pdbx_struct_assembly_gen.oper_expression   1,2,3 
_pdbx_struct_assembly_gen.asym_id_list      A,B 
# 
loop_
_pdbx_struct_oper_list.id 
_pdbx_struct_oper_list.type 
_pdbx_struct_oper_list.name 
_pdbx_struct_oper_list.symmetry_operation 
_pdbx_struct_oper_list.matrix[1][1] 
_pdbx_struct_oper_list.matrix[1][2] 
_pdbx_struct_oper_list.matrix[1][3] 
_pdbx_struct_oper_list.vector[1] 
_pdbx_struct_oper_list.matrix[2][1] 
_pdbx_struct_oper_list.matrix[2][2] 
_pdbx_struct_oper_list.matrix[2][3] 
_pdbx_struct_oper_list.vector[2] 
_pdbx_struct_oper_list.matrix[3][1] 
_pdbx_struct_oper_list.matrix[3][2] 
_pdbx_struct_oper_list.matrix[3][3] 
_pdbx_struct_oper_list.vector[3] 
1 'identity operation'         1_555 x,y,z         1.0000000000  0.0000000000  0.0000000000  0.0000000000  0.0000000000  1.0000000000 0.0000000000 0.0000000000 0.0000000000  0.0000000000 1.0000000000 0.0000000000  
2 'crystal symmetry operation' 2_655 -y+1,x-y,z    -0.4225286545 0.8683875963  -0.2595621674 -6.7110088385 -0.4584605115 0.0422657039 0.8877091695 6.0942757504 0.7818462097  0.4940815650 0.3802629505 -2.7923252586 
3 'crystal symmetry operation' 3_665 -x+y+1,-x+1,z -0.4225286545 -0.4584605115 0.7818462097  2.1415601620  0.8683875963  0.0422657039 0.4940815650 6.9498144133 -0.2595621674 0.8877091695 0.3802629505 -6.0900506233 
# 
_struct_biol.id   1 
# 
_struct_conf.conf_type_id            HELX_P 
_struct_conf.id                      HELX_P1 
_struct_conf.pdbx_PDB_helix_id       1 
_struct_conf.beg_label_comp_id       TYR 
_struct_conf.beg_label_asym_id       A 
_struct_conf.beg_label_seq_id        2 
_struct_conf.pdbx_beg_PDB_ins_code   ? 
_struct_conf.end_label_comp_id       THR 
_struct_conf.end_label_asym_id       A 
_struct_conf.end_label_seq_id        47 
_struct_conf.pdbx_end_PDB_ins_code   ? 
_struct_conf.beg_auth_comp_id        TYR 
_struct_conf.beg_auth_asym_id        A 
_struct_conf.beg_auth_seq_id         531 
_struct_conf.end_auth_comp_id        THR 
_struct_conf.end_auth_asym_id        A 
_struct_conf.end_auth_seq_id         576 
_struct_conf.pdbx_PDB_helix_class    1 
_struct_conf.details                 ? 
_struct_conf.pdbx_PDB_helix_length   46 
# 
_struct_conf_type.id          HELX_P 
_struct_conf_type.criteria    ? 
_struct_conf_type.reference   ? 
# 
loop_
_struct_conn.id 
_struct_conn.conn_type_id 
_struct_conn.pdbx_leaving_atom_flag 
_struct_conn.pdbx_PDB_id 
_struct_conn.ptnr1_label_asym_id 
_struct_conn.ptnr1_label_comp_id 
_struct_conn.ptnr1_label_seq_id 
_struct_conn.ptnr1_label_atom_id 
_struct_conn.pdbx_ptnr1_label_alt_id 
_struct_conn.pdbx_ptnr1_PDB_ins_code 
_struct_conn.pdbx_ptnr1_standard_comp_id 
_struct_conn.ptnr1_symmetry 
_struct_conn.ptnr2_label_asym_id 
_struct_conn.ptnr2_label_comp_id 
_struct_conn.ptnr2_label_seq_id 
_struct_conn.ptnr2_label_atom_id 
_struct_conn.pdbx_ptnr2_label_alt_id 
_struct_conn.pdbx_ptnr2_PDB_ins_code 
_struct_conn.ptnr1_auth_asym_id 
_struct_conn.ptnr1_auth_comp_id 
_struct_conn.ptnr1_auth_seq_id 
_struct_conn.ptnr2_auth_asym_id 
_struct_conn.ptnr2_auth_comp_id 
_struct_conn.ptnr2_auth_seq_id 
_struct_conn.ptnr2_symmetry 
_struct_conn.pdbx_ptnr3_label_atom_id 
_struct_conn.pdbx_ptnr3_label_seq_id 
_struct_conn.pdbx_ptnr3_label_comp_id 
_struct_conn.pdbx_ptnr3_label_asym_id 
_struct_conn.pdbx_ptnr3_label_alt_id 
_struct_conn.pdbx_ptnr3_PDB_ins_code 
_struct_conn.details 
_struct_conn.pdbx_dist_value 
_struct_conn.pdbx_value_order 
_struct_conn.pdbx_role 
covale1 covale both ? A ACE 1  C ? ? ? 1_555 A TYR 2  N ? ? A ACE 530 A TYR 531 1_555 ? ? ? ? ? ? ? 1.331 ? ? 
covale2 covale both ? A GLU 49 C ? ? ? 1_555 A NH2 50 N ? ? A GLU 578 A NH2 579 1_555 ? ? ? ? ? ? ? 1.329 ? ? 
# 
_struct_conn_type.id          covale 
_struct_conn_type.criteria    ? 
_struct_conn_type.reference   ? 
# 
loop_
_pdbx_modification_feature.ordinal 
_pdbx_modification_feature.label_comp_id 
_pdbx_modification_feature.label_asym_id 
_pdbx_modification_feature.label_seq_id 
_pdbx_modification_feature.label_alt_id 
_pdbx_modification_feature.modified_residue_label_comp_id 
_pdbx_modification_feature.modified_residue_label_asym_id 
_pdbx_modification_feature.modified_residue_label_seq_id 
_pdbx_modification_feature.modified_residue_label_alt_id 
_pdbx_modification_feature.auth_comp_id 
_pdbx_modification_feature.auth_asym_id 
_pdbx_modification_feature.auth_seq_id 
_pdbx_modification_feature.PDB_ins_code 
_pdbx_modification_feature.symmetry 
_pdbx_modification_feature.modified_residue_auth_comp_id 
_pdbx_modification_feature.modified_residue_auth_asym_id 
_pdbx_modification_feature.modified_residue_auth_seq_id 
_pdbx_modification_feature.modified_residue_PDB_ins_code 
_pdbx_modification_feature.modified_residue_symmetry 
_pdbx_modification_feature.comp_id_linking_atom 
_pdbx_modification_feature.modified_residue_id_linking_atom 
_pdbx_modification_feature.modified_residue_id 
_pdbx_modification_feature.ref_pcm_id 
_pdbx_modification_feature.ref_comp_id 
_pdbx_modification_feature.type 
_pdbx_modification_feature.category 
1 ACE A 1  ? TYR A 2  ? ACE A 530 ? 1_555 TYR A 531 ? 1_555 . . TYR 5  ACE None 'Terminal acetylation' 
2 NH2 A 50 ? GLU A 49 ? NH2 A 579 ? 1_555 GLU A 578 ? 1_555 . . GLU 10 NH2 None 'Terminal amidation'   
# 
_pdbx_entry_details.entry_id                   4R0R 
_pdbx_entry_details.compound_details           ? 
_pdbx_entry_details.source_details             ? 
_pdbx_entry_details.nonpolymer_details         ? 
_pdbx_entry_details.sequence_details           ? 
_pdbx_entry_details.has_ligand_of_interest     ? 
_pdbx_entry_details.has_protein_modification   Y 
# 
_pdbx_validate_torsion.id              1 
_pdbx_validate_torsion.PDB_model_num   1 
_pdbx_validate_torsion.auth_comp_id    THR 
_pdbx_validate_torsion.auth_asym_id    A 
_pdbx_validate_torsion.auth_seq_id     576 
_pdbx_validate_torsion.PDB_ins_code    ? 
_pdbx_validate_torsion.label_alt_id    ? 
_pdbx_validate_torsion.phi             -83.50 
_pdbx_validate_torsion.psi             32.18 
# 
_pdbx_struct_special_symmetry.id              1 
_pdbx_struct_special_symmetry.PDB_model_num   1 
_pdbx_struct_special_symmetry.auth_asym_id    A 
_pdbx_struct_special_symmetry.auth_comp_id    HOH 
_pdbx_struct_special_symmetry.auth_seq_id     604 
_pdbx_struct_special_symmetry.PDB_ins_code    ? 
_pdbx_struct_special_symmetry.label_asym_id   B 
_pdbx_struct_special_symmetry.label_comp_id   HOH 
_pdbx_struct_special_symmetry.label_seq_id    . 
# 
_phasing.method   MR 
# 
loop_
_chem_comp_atom.comp_id 
_chem_comp_atom.atom_id 
_chem_comp_atom.type_symbol 
_chem_comp_atom.pdbx_aromatic_flag 
_chem_comp_atom.pdbx_stereo_config 
_chem_comp_atom.pdbx_ordinal 
ACE C    C N N 1   
ACE O    O N N 2   
ACE CH3  C N N 3   
ACE H    H N N 4   
ACE H1   H N N 5   
ACE H2   H N N 6   
ACE H3   H N N 7   
ALA N    N N N 8   
ALA CA   C N S 9   
ALA C    C N N 10  
ALA O    O N N 11  
ALA CB   C N N 12  
ALA OXT  O N N 13  
ALA H    H N N 14  
ALA H2   H N N 15  
ALA HA   H N N 16  
ALA HB1  H N N 17  
ALA HB2  H N N 18  
ALA HB3  H N N 19  
ALA HXT  H N N 20  
ARG N    N N N 21  
ARG CA   C N S 22  
ARG C    C N N 23  
ARG O    O N N 24  
ARG CB   C N N 25  
ARG CG   C N N 26  
ARG CD   C N N 27  
ARG NE   N N N 28  
ARG CZ   C N N 29  
ARG NH1  N N N 30  
ARG NH2  N N N 31  
ARG OXT  O N N 32  
ARG H    H N N 33  
ARG H2   H N N 34  
ARG HA   H N N 35  
ARG HB2  H N N 36  
ARG HB3  H N N 37  
ARG HG2  H N N 38  
ARG HG3  H N N 39  
ARG HD2  H N N 40  
ARG HD3  H N N 41  
ARG HE   H N N 42  
ARG HH11 H N N 43  
ARG HH12 H N N 44  
ARG HH21 H N N 45  
ARG HH22 H N N 46  
ARG HXT  H N N 47  
ASN N    N N N 48  
ASN CA   C N S 49  
ASN C    C N N 50  
ASN O    O N N 51  
ASN CB   C N N 52  
ASN CG   C N N 53  
ASN OD1  O N N 54  
ASN ND2  N N N 55  
ASN OXT  O N N 56  
ASN H    H N N 57  
ASN H2   H N N 58  
ASN HA   H N N 59  
ASN HB2  H N N 60  
ASN HB3  H N N 61  
ASN HD21 H N N 62  
ASN HD22 H N N 63  
ASN HXT  H N N 64  
GLN N    N N N 65  
GLN CA   C N S 66  
GLN C    C N N 67  
GLN O    O N N 68  
GLN CB   C N N 69  
GLN CG   C N N 70  
GLN CD   C N N 71  
GLN OE1  O N N 72  
GLN NE2  N N N 73  
GLN OXT  O N N 74  
GLN H    H N N 75  
GLN H2   H N N 76  
GLN HA   H N N 77  
GLN HB2  H N N 78  
GLN HB3  H N N 79  
GLN HG2  H N N 80  
GLN HG3  H N N 81  
GLN HE21 H N N 82  
GLN HE22 H N N 83  
GLN HXT  H N N 84  
GLU N    N N N 85  
GLU CA   C N S 86  
GLU C    C N N 87  
GLU O    O N N 88  
GLU CB   C N N 89  
GLU CG   C N N 90  
GLU CD   C N N 91  
GLU OE1  O N N 92  
GLU OE2  O N N 93  
GLU OXT  O N N 94  
GLU H    H N N 95  
GLU H2   H N N 96  
GLU HA   H N N 97  
GLU HB2  H N N 98  
GLU HB3  H N N 99  
GLU HG2  H N N 100 
GLU HG3  H N N 101 
GLU HE2  H N N 102 
GLU HXT  H N N 103 
GLY N    N N N 104 
GLY CA   C N N 105 
GLY C    C N N 106 
GLY O    O N N 107 
GLY OXT  O N N 108 
GLY H    H N N 109 
GLY H2   H N N 110 
GLY HA2  H N N 111 
GLY HA3  H N N 112 
GLY HXT  H N N 113 
HOH O    O N N 114 
HOH H1   H N N 115 
HOH H2   H N N 116 
ILE N    N N N 117 
ILE CA   C N S 118 
ILE C    C N N 119 
ILE O    O N N 120 
ILE CB   C N S 121 
ILE CG1  C N N 122 
ILE CG2  C N N 123 
ILE CD1  C N N 124 
ILE OXT  O N N 125 
ILE H    H N N 126 
ILE H2   H N N 127 
ILE HA   H N N 128 
ILE HB   H N N 129 
ILE HG12 H N N 130 
ILE HG13 H N N 131 
ILE HG21 H N N 132 
ILE HG22 H N N 133 
ILE HG23 H N N 134 
ILE HD11 H N N 135 
ILE HD12 H N N 136 
ILE HD13 H N N 137 
ILE HXT  H N N 138 
LEU N    N N N 139 
LEU CA   C N S 140 
LEU C    C N N 141 
LEU O    O N N 142 
LEU CB   C N N 143 
LEU CG   C N N 144 
LEU CD1  C N N 145 
LEU CD2  C N N 146 
LEU OXT  O N N 147 
LEU H    H N N 148 
LEU H2   H N N 149 
LEU HA   H N N 150 
LEU HB2  H N N 151 
LEU HB3  H N N 152 
LEU HG   H N N 153 
LEU HD11 H N N 154 
LEU HD12 H N N 155 
LEU HD13 H N N 156 
LEU HD21 H N N 157 
LEU HD22 H N N 158 
LEU HD23 H N N 159 
LEU HXT  H N N 160 
LYS N    N N N 161 
LYS CA   C N S 162 
LYS C    C N N 163 
LYS O    O N N 164 
LYS CB   C N N 165 
LYS CG   C N N 166 
LYS CD   C N N 167 
LYS CE   C N N 168 
LYS NZ   N N N 169 
LYS OXT  O N N 170 
LYS H    H N N 171 
LYS H2   H N N 172 
LYS HA   H N N 173 
LYS HB2  H N N 174 
LYS HB3  H N N 175 
LYS HG2  H N N 176 
LYS HG3  H N N 177 
LYS HD2  H N N 178 
LYS HD3  H N N 179 
LYS HE2  H N N 180 
LYS HE3  H N N 181 
LYS HZ1  H N N 182 
LYS HZ2  H N N 183 
LYS HZ3  H N N 184 
LYS HXT  H N N 185 
NH2 N    N N N 186 
NH2 HN1  H N N 187 
NH2 HN2  H N N 188 
PHE N    N N N 189 
PHE CA   C N S 190 
PHE C    C N N 191 
PHE O    O N N 192 
PHE CB   C N N 193 
PHE CG   C Y N 194 
PHE CD1  C Y N 195 
PHE CD2  C Y N 196 
PHE CE1  C Y N 197 
PHE CE2  C Y N 198 
PHE CZ   C Y N 199 
PHE OXT  O N N 200 
PHE H    H N N 201 
PHE H2   H N N 202 
PHE HA   H N N 203 
PHE HB2  H N N 204 
PHE HB3  H N N 205 
PHE HD1  H N N 206 
PHE HD2  H N N 207 
PHE HE1  H N N 208 
PHE HE2  H N N 209 
PHE HZ   H N N 210 
PHE HXT  H N N 211 
THR N    N N N 212 
THR CA   C N S 213 
THR C    C N N 214 
THR O    O N N 215 
THR CB   C N R 216 
THR OG1  O N N 217 
THR CG2  C N N 218 
THR OXT  O N N 219 
THR H    H N N 220 
THR H2   H N N 221 
THR HA   H N N 222 
THR HB   H N N 223 
THR HG1  H N N 224 
THR HG21 H N N 225 
THR HG22 H N N 226 
THR HG23 H N N 227 
THR HXT  H N N 228 
TYR N    N N N 229 
TYR CA   C N S 230 
TYR C    C N N 231 
TYR O    O N N 232 
TYR CB   C N N 233 
TYR CG   C Y N 234 
TYR CD1  C Y N 235 
TYR CD2  C Y N 236 
TYR CE1  C Y N 237 
TYR CE2  C Y N 238 
TYR CZ   C Y N 239 
TYR OH   O N N 240 
TYR OXT  O N N 241 
TYR H    H N N 242 
TYR H2   H N N 243 
TYR HA   H N N 244 
TYR HB2  H N N 245 
TYR HB3  H N N 246 
TYR HD1  H N N 247 
TYR HD2  H N N 248 
TYR HE1  H N N 249 
TYR HE2  H N N 250 
TYR HH   H N N 251 
TYR HXT  H N N 252 
# 
loop_
_chem_comp_bond.comp_id 
_chem_comp_bond.atom_id_1 
_chem_comp_bond.atom_id_2 
_chem_comp_bond.value_order 
_chem_comp_bond.pdbx_aromatic_flag 
_chem_comp_bond.pdbx_stereo_config 
_chem_comp_bond.pdbx_ordinal 
ACE C   O    doub N N 1   
ACE C   CH3  sing N N 2   
ACE C   H    sing N N 3   
ACE CH3 H1   sing N N 4   
ACE CH3 H2   sing N N 5   
ACE CH3 H3   sing N N 6   
ALA N   CA   sing N N 7   
ALA N   H    sing N N 8   
ALA N   H2   sing N N 9   
ALA CA  C    sing N N 10  
ALA CA  CB   sing N N 11  
ALA CA  HA   sing N N 12  
ALA C   O    doub N N 13  
ALA C   OXT  sing N N 14  
ALA CB  HB1  sing N N 15  
ALA CB  HB2  sing N N 16  
ALA CB  HB3  sing N N 17  
ALA OXT HXT  sing N N 18  
ARG N   CA   sing N N 19  
ARG N   H    sing N N 20  
ARG N   H2   sing N N 21  
ARG CA  C    sing N N 22  
ARG CA  CB   sing N N 23  
ARG CA  HA   sing N N 24  
ARG C   O    doub N N 25  
ARG C   OXT  sing N N 26  
ARG CB  CG   sing N N 27  
ARG CB  HB2  sing N N 28  
ARG CB  HB3  sing N N 29  
ARG CG  CD   sing N N 30  
ARG CG  HG2  sing N N 31  
ARG CG  HG3  sing N N 32  
ARG CD  NE   sing N N 33  
ARG CD  HD2  sing N N 34  
ARG CD  HD3  sing N N 35  
ARG NE  CZ   sing N N 36  
ARG NE  HE   sing N N 37  
ARG CZ  NH1  sing N N 38  
ARG CZ  NH2  doub N N 39  
ARG NH1 HH11 sing N N 40  
ARG NH1 HH12 sing N N 41  
ARG NH2 HH21 sing N N 42  
ARG NH2 HH22 sing N N 43  
ARG OXT HXT  sing N N 44  
ASN N   CA   sing N N 45  
ASN N   H    sing N N 46  
ASN N   H2   sing N N 47  
ASN CA  C    sing N N 48  
ASN CA  CB   sing N N 49  
ASN CA  HA   sing N N 50  
ASN C   O    doub N N 51  
ASN C   OXT  sing N N 52  
ASN CB  CG   sing N N 53  
ASN CB  HB2  sing N N 54  
ASN CB  HB3  sing N N 55  
ASN CG  OD1  doub N N 56  
ASN CG  ND2  sing N N 57  
ASN ND2 HD21 sing N N 58  
ASN ND2 HD22 sing N N 59  
ASN OXT HXT  sing N N 60  
GLN N   CA   sing N N 61  
GLN N   H    sing N N 62  
GLN N   H2   sing N N 63  
GLN CA  C    sing N N 64  
GLN CA  CB   sing N N 65  
GLN CA  HA   sing N N 66  
GLN C   O    doub N N 67  
GLN C   OXT  sing N N 68  
GLN CB  CG   sing N N 69  
GLN CB  HB2  sing N N 70  
GLN CB  HB3  sing N N 71  
GLN CG  CD   sing N N 72  
GLN CG  HG2  sing N N 73  
GLN CG  HG3  sing N N 74  
GLN CD  OE1  doub N N 75  
GLN CD  NE2  sing N N 76  
GLN NE2 HE21 sing N N 77  
GLN NE2 HE22 sing N N 78  
GLN OXT HXT  sing N N 79  
GLU N   CA   sing N N 80  
GLU N   H    sing N N 81  
GLU N   H2   sing N N 82  
GLU CA  C    sing N N 83  
GLU CA  CB   sing N N 84  
GLU CA  HA   sing N N 85  
GLU C   O    doub N N 86  
GLU C   OXT  sing N N 87  
GLU CB  CG   sing N N 88  
GLU CB  HB2  sing N N 89  
GLU CB  HB3  sing N N 90  
GLU CG  CD   sing N N 91  
GLU CG  HG2  sing N N 92  
GLU CG  HG3  sing N N 93  
GLU CD  OE1  doub N N 94  
GLU CD  OE2  sing N N 95  
GLU OE2 HE2  sing N N 96  
GLU OXT HXT  sing N N 97  
GLY N   CA   sing N N 98  
GLY N   H    sing N N 99  
GLY N   H2   sing N N 100 
GLY CA  C    sing N N 101 
GLY CA  HA2  sing N N 102 
GLY CA  HA3  sing N N 103 
GLY C   O    doub N N 104 
GLY C   OXT  sing N N 105 
GLY OXT HXT  sing N N 106 
HOH O   H1   sing N N 107 
HOH O   H2   sing N N 108 
ILE N   CA   sing N N 109 
ILE N   H    sing N N 110 
ILE N   H2   sing N N 111 
ILE CA  C    sing N N 112 
ILE CA  CB   sing N N 113 
ILE CA  HA   sing N N 114 
ILE C   O    doub N N 115 
ILE C   OXT  sing N N 116 
ILE CB  CG1  sing N N 117 
ILE CB  CG2  sing N N 118 
ILE CB  HB   sing N N 119 
ILE CG1 CD1  sing N N 120 
ILE CG1 HG12 sing N N 121 
ILE CG1 HG13 sing N N 122 
ILE CG2 HG21 sing N N 123 
ILE CG2 HG22 sing N N 124 
ILE CG2 HG23 sing N N 125 
ILE CD1 HD11 sing N N 126 
ILE CD1 HD12 sing N N 127 
ILE CD1 HD13 sing N N 128 
ILE OXT HXT  sing N N 129 
LEU N   CA   sing N N 130 
LEU N   H    sing N N 131 
LEU N   H2   sing N N 132 
LEU CA  C    sing N N 133 
LEU CA  CB   sing N N 134 
LEU CA  HA   sing N N 135 
LEU C   O    doub N N 136 
LEU C   OXT  sing N N 137 
LEU CB  CG   sing N N 138 
LEU CB  HB2  sing N N 139 
LEU CB  HB3  sing N N 140 
LEU CG  CD1  sing N N 141 
LEU CG  CD2  sing N N 142 
LEU CG  HG   sing N N 143 
LEU CD1 HD11 sing N N 144 
LEU CD1 HD12 sing N N 145 
LEU CD1 HD13 sing N N 146 
LEU CD2 HD21 sing N N 147 
LEU CD2 HD22 sing N N 148 
LEU CD2 HD23 sing N N 149 
LEU OXT HXT  sing N N 150 
LYS N   CA   sing N N 151 
LYS N   H    sing N N 152 
LYS N   H2   sing N N 153 
LYS CA  C    sing N N 154 
LYS CA  CB   sing N N 155 
LYS CA  HA   sing N N 156 
LYS C   O    doub N N 157 
LYS C   OXT  sing N N 158 
LYS CB  CG   sing N N 159 
LYS CB  HB2  sing N N 160 
LYS CB  HB3  sing N N 161 
LYS CG  CD   sing N N 162 
LYS CG  HG2  sing N N 163 
LYS CG  HG3  sing N N 164 
LYS CD  CE   sing N N 165 
LYS CD  HD2  sing N N 166 
LYS CD  HD3  sing N N 167 
LYS CE  NZ   sing N N 168 
LYS CE  HE2  sing N N 169 
LYS CE  HE3  sing N N 170 
LYS NZ  HZ1  sing N N 171 
LYS NZ  HZ2  sing N N 172 
LYS NZ  HZ3  sing N N 173 
LYS OXT HXT  sing N N 174 
NH2 N   HN1  sing N N 175 
NH2 N   HN2  sing N N 176 
PHE N   CA   sing N N 177 
PHE N   H    sing N N 178 
PHE N   H2   sing N N 179 
PHE CA  C    sing N N 180 
PHE CA  CB   sing N N 181 
PHE CA  HA   sing N N 182 
PHE C   O    doub N N 183 
PHE C   OXT  sing N N 184 
PHE CB  CG   sing N N 185 
PHE CB  HB2  sing N N 186 
PHE CB  HB3  sing N N 187 
PHE CG  CD1  doub Y N 188 
PHE CG  CD2  sing Y N 189 
PHE CD1 CE1  sing Y N 190 
PHE CD1 HD1  sing N N 191 
PHE CD2 CE2  doub Y N 192 
PHE CD2 HD2  sing N N 193 
PHE CE1 CZ   doub Y N 194 
PHE CE1 HE1  sing N N 195 
PHE CE2 CZ   sing Y N 196 
PHE CE2 HE2  sing N N 197 
PHE CZ  HZ   sing N N 198 
PHE OXT HXT  sing N N 199 
THR N   CA   sing N N 200 
THR N   H    sing N N 201 
THR N   H2   sing N N 202 
THR CA  C    sing N N 203 
THR CA  CB   sing N N 204 
THR CA  HA   sing N N 205 
THR C   O    doub N N 206 
THR C   OXT  sing N N 207 
THR CB  OG1  sing N N 208 
THR CB  CG2  sing N N 209 
THR CB  HB   sing N N 210 
THR OG1 HG1  sing N N 211 
THR CG2 HG21 sing N N 212 
THR CG2 HG22 sing N N 213 
THR CG2 HG23 sing N N 214 
THR OXT HXT  sing N N 215 
TYR N   CA   sing N N 216 
TYR N   H    sing N N 217 
TYR N   H2   sing N N 218 
TYR CA  C    sing N N 219 
TYR CA  CB   sing N N 220 
TYR CA  HA   sing N N 221 
TYR C   O    doub N N 222 
TYR C   OXT  sing N N 223 
TYR CB  CG   sing N N 224 
TYR CB  HB2  sing N N 225 
TYR CB  HB3  sing N N 226 
TYR CG  CD1  doub Y N 227 
TYR CG  CD2  sing Y N 228 
TYR CD1 CE1  sing Y N 229 
TYR CD1 HD1  sing N N 230 
TYR CD2 CE2  doub Y N 231 
TYR CD2 HD2  sing N N 232 
TYR CE1 CZ   doub Y N 233 
TYR CE1 HE1  sing N N 234 
TYR CE2 CZ   sing Y N 235 
TYR CE2 HE2  sing N N 236 
TYR CZ  OH   sing N N 237 
TYR OH  HH   sing N N 238 
TYR OXT HXT  sing N N 239 
# 
_pdbx_initial_refinement_model.accession_code   1EBO 
_pdbx_initial_refinement_model.id               1 
_pdbx_initial_refinement_model.entity_id_list   ? 
_pdbx_initial_refinement_model.type             'experimental model' 
_pdbx_initial_refinement_model.source_name      PDB 
_pdbx_initial_refinement_model.details          'CANONICAL HELICAL MODEL OF IZN AND N-TRIMER MODEL' 
# 
_atom_sites.entry_id                    4R0R 
_atom_sites.fract_transf_matrix[1][1]   -0.00808592 
_atom_sites.fract_transf_matrix[1][2]   0.02382931 
_atom_sites.fract_transf_matrix[1][3]   -0.01630421 
_atom_sites.fract_transf_matrix[2][1]   0.02025563 
_atom_sites.fract_transf_matrix[2][2]   0.01407008 
_atom_sites.fract_transf_matrix[2][3]   -0.01705235 
_atom_sites.fract_transf_matrix[3][1]   -0.00313075 
_atom_sites.fract_transf_matrix[3][2]   -0.00828292 
_atom_sites.fract_transf_matrix[3][3]   -0.01055319 
_atom_sites.fract_transf_vector[1]      0.502459 
_atom_sites.fract_transf_vector[2]      0.252515 
_atom_sites.fract_transf_vector[3]      0.399522 
# 
loop_
_atom_type.symbol 
C 
H 
N 
O 
# 
loop_
_atom_site.group_PDB 
_atom_site.id 
_atom_site.type_symbol 
_atom_site.label_atom_id 
_atom_site.label_alt_id 
_atom_site.label_comp_id 
_atom_site.label_asym_id 
_atom_site.label_entity_id 
_atom_site.label_seq_id 
_atom_site.pdbx_PDB_ins_code 
_atom_site.Cartn_x 
_atom_site.Cartn_y 
_atom_site.Cartn_z 
_atom_site.occupancy 
_atom_site.B_iso_or_equiv 
_atom_site.pdbx_formal_charge 
_atom_site.auth_seq_id 
_atom_site.auth_comp_id 
_atom_site.auth_asym_id 
_atom_site.auth_atom_id 
_atom_site.pdbx_PDB_model_num 
HETATM 1   C C    . ACE A 1 1  ? -3.942 -20.508 -29.181 1.00 72.20  ? 530 ACE A C    1 
HETATM 2   O O    . ACE A 1 1  ? -4.205 -19.986 -28.099 1.00 61.22  ? 530 ACE A O    1 
HETATM 3   C CH3  . ACE A 1 1  ? -4.963 -20.632 -30.274 1.00 80.73  ? 530 ACE A CH3  1 
ATOM   4   N N    . TYR A 1 2  ? -2.744 -21.019 -29.455 1.00 75.90  ? 531 TYR A N    1 
ATOM   5   C CA   . TYR A 1 2  ? -1.649 -20.974 -28.493 1.00 62.27  ? 531 TYR A CA   1 
ATOM   6   C C    . TYR A 1 2  ? -1.230 -19.538 -28.204 1.00 52.65  ? 531 TYR A C    1 
ATOM   7   O O    . TYR A 1 2  ? -0.914 -19.196 -27.067 1.00 57.19  ? 531 TYR A O    1 
ATOM   8   C CB   . TYR A 1 2  ? -0.449 -21.775 -29.005 1.00 58.32  ? 531 TYR A CB   1 
ATOM   9   C CG   . TYR A 1 2  ? 0.712  -21.814 -28.037 1.00 54.01  ? 531 TYR A CG   1 
ATOM   10  C CD1  . TYR A 1 2  ? 0.672  -22.623 -26.909 1.00 58.74  ? 531 TYR A CD1  1 
ATOM   11  C CD2  . TYR A 1 2  ? 1.847  -21.044 -28.249 1.00 56.02  ? 531 TYR A CD2  1 
ATOM   12  C CE1  . TYR A 1 2  ? 1.729  -22.663 -26.019 1.00 54.87  ? 531 TYR A CE1  1 
ATOM   13  C CE2  . TYR A 1 2  ? 2.910  -21.079 -27.364 1.00 63.73  ? 531 TYR A CE2  1 
ATOM   14  C CZ   . TYR A 1 2  ? 2.844  -21.890 -26.251 1.00 60.92  ? 531 TYR A CZ   1 
ATOM   15  O OH   . TYR A 1 2  ? 3.898  -21.930 -25.364 1.00 66.13  ? 531 TYR A OH   1 
ATOM   16  H H    . TYR A 1 2  ? -2.540 -21.402 -30.198 1.00 91.07  ? 531 TYR A H    1 
ATOM   17  H HA   . TYR A 1 2  ? -1.944 -21.374 -27.661 1.00 74.73  ? 531 TYR A HA   1 
ATOM   18  H HB2  . TYR A 1 2  ? -0.730 -22.688 -29.169 1.00 69.99  ? 531 TYR A HB2  1 
ATOM   19  H HB3  . TYR A 1 2  ? -0.135 -21.373 -29.830 1.00 69.99  ? 531 TYR A HB3  1 
ATOM   20  H HD1  . TYR A 1 2  ? -0.081 -23.146 -26.750 1.00 70.49  ? 531 TYR A HD1  1 
ATOM   21  H HD2  . TYR A 1 2  ? 1.893  -20.496 -28.999 1.00 67.22  ? 531 TYR A HD2  1 
ATOM   22  H HE1  . TYR A 1 2  ? 1.687  -23.210 -25.268 1.00 65.85  ? 531 TYR A HE1  1 
ATOM   23  H HE2  . TYR A 1 2  ? 3.665  -20.557 -27.518 1.00 76.47  ? 531 TYR A HE2  1 
ATOM   24  H HH   . TYR A 1 2  ? 4.510  -21.416 -25.621 1.00 79.35  ? 531 TYR A HH   1 
ATOM   25  N N    . GLY A 1 3  ? -1.229 -18.702 -29.238 1.00 51.02  ? 532 GLY A N    1 
ATOM   26  C CA   . GLY A 1 3  ? -0.812 -17.318 -29.099 1.00 57.11  ? 532 GLY A CA   1 
ATOM   27  C C    . GLY A 1 3  ? -1.715 -16.528 -28.170 1.00 55.24  ? 532 GLY A C    1 
ATOM   28  O O    . GLY A 1 3  ? -1.239 -15.796 -27.304 1.00 52.64  ? 532 GLY A O    1 
ATOM   29  H H    . GLY A 1 3  ? -1.469 -18.916 -30.035 1.00 61.23  ? 532 GLY A H    1 
ATOM   30  H HA2  . GLY A 1 3  ? 0.092  -17.286 -28.747 1.00 68.54  ? 532 GLY A HA2  1 
ATOM   31  H HA3  . GLY A 1 3  ? -0.818 -16.891 -29.969 1.00 68.54  ? 532 GLY A HA3  1 
ATOM   32  N N    . ILE A 1 4  ? -3.024 -16.678 -28.350 1.00 51.31  ? 533 ILE A N    1 
ATOM   33  C CA   . ILE A 1 4  ? -3.994 -15.984 -27.509 1.00 53.70  ? 533 ILE A CA   1 
ATOM   34  C C    . ILE A 1 4  ? -3.912 -16.491 -26.070 1.00 48.07  ? 533 ILE A C    1 
ATOM   35  O O    . ILE A 1 4  ? -4.076 -15.722 -25.124 1.00 50.14  ? 533 ILE A O    1 
ATOM   36  C CB   . ILE A 1 4  ? -5.433 -16.163 -28.039 1.00 46.00  ? 533 ILE A CB   1 
ATOM   37  C CG1  . ILE A 1 4  ? -5.523 -15.745 -29.511 1.00 64.75  ? 533 ILE A CG1  1 
ATOM   38  C CG2  . ILE A 1 4  ? -6.420 -15.367 -27.201 1.00 52.06  ? 533 ILE A CG2  1 
ATOM   39  C CD1  . ILE A 1 4  ? -5.062 -14.322 -29.791 1.00 64.64  ? 533 ILE A CD1  1 
ATOM   40  H HA   . ILE A 1 4  ? -3.789 -15.036 -27.506 1.00 64.44  ? 533 ILE A HA   1 
ATOM   41  H HB   . ILE A 1 4  ? -5.667 -17.102 -27.974 1.00 55.20  ? 533 ILE A HB   1 
ATOM   42  H HG12 . ILE A 1 4  ? -4.970 -16.342 -30.039 1.00 77.70  ? 533 ILE A HG12 1 
ATOM   43  H HG13 . ILE A 1 4  ? -6.447 -15.817 -29.799 1.00 77.70  ? 533 ILE A HG13 1 
ATOM   44  H HG21 . ILE A 1 4  ? -7.313 -15.498 -27.556 1.00 62.47  ? 533 ILE A HG21 1 
ATOM   45  H HG22 . ILE A 1 4  ? -6.379 -15.680 -26.283 1.00 62.47  ? 533 ILE A HG22 1 
ATOM   46  H HG23 . ILE A 1 4  ? -6.182 -14.427 -27.241 1.00 62.47  ? 533 ILE A HG23 1 
ATOM   47  H HD11 . ILE A 1 4  ? -5.153 -14.143 -30.741 1.00 77.56  ? 533 ILE A HD11 1 
ATOM   48  H HD12 . ILE A 1 4  ? -5.614 -13.706 -29.285 1.00 77.56  ? 533 ILE A HD12 1 
ATOM   49  H HD13 . ILE A 1 4  ? -4.134 -14.233 -29.525 1.00 77.56  ? 533 ILE A HD13 1 
ATOM   50  N N    . LYS A 1 5  ? -3.659 -17.788 -25.915 1.00 49.44  ? 534 LYS A N    1 
ATOM   51  C CA   . LYS A 1 5  ? -3.495 -18.390 -24.596 1.00 47.70  ? 534 LYS A CA   1 
ATOM   52  C C    . LYS A 1 5  ? -2.326 -17.747 -23.853 1.00 48.59  ? 534 LYS A C    1 
ATOM   53  O O    . LYS A 1 5  ? -2.447 -17.382 -22.684 1.00 47.88  ? 534 LYS A O    1 
ATOM   54  C CB   . LYS A 1 5  ? -3.279 -19.901 -24.724 1.00 55.60  ? 534 LYS A CB   1 
ATOM   55  C CG   . LYS A 1 5  ? -3.033 -20.625 -23.404 1.00 64.82  ? 534 LYS A CG   1 
ATOM   56  C CD   . LYS A 1 5  ? -1.849 -21.579 -23.514 1.00 68.49  ? 534 LYS A CD   1 
ATOM   57  C CE   . LYS A 1 5  ? -1.502 -22.209 -22.172 1.00 73.71  ? 534 LYS A CE   1 
ATOM   58  N NZ   . LYS A 1 5  ? -1.127 -21.191 -21.147 1.00 66.58  ? 534 LYS A NZ   1 
ATOM   59  H H    . LYS A 1 5  ? -3.576 -18.345 -26.564 1.00 59.33  ? 534 LYS A H    1 
ATOM   60  H HA   . LYS A 1 5  ? -4.301 -18.242 -24.077 1.00 57.24  ? 534 LYS A HA   1 
ATOM   61  H HB2  . LYS A 1 5  ? -4.066 -20.293 -25.132 1.00 66.72  ? 534 LYS A HB2  1 
ATOM   62  H HB3  . LYS A 1 5  ? -2.507 -20.056 -25.291 1.00 66.72  ? 534 LYS A HB3  1 
ATOM   63  H HG2  . LYS A 1 5  ? -2.837 -19.975 -22.711 1.00 77.78  ? 534 LYS A HG2  1 
ATOM   64  H HG3  . LYS A 1 5  ? -3.820 -21.141 -23.169 1.00 77.78  ? 534 LYS A HG3  1 
ATOM   65  H HD2  . LYS A 1 5  ? -2.069 -22.292 -24.135 1.00 82.19  ? 534 LYS A HD2  1 
ATOM   66  H HD3  . LYS A 1 5  ? -1.072 -21.090 -23.828 1.00 82.19  ? 534 LYS A HD3  1 
ATOM   67  H HE2  . LYS A 1 5  ? -2.273 -22.697 -21.843 1.00 88.45  ? 534 LYS A HE2  1 
ATOM   68  H HE3  . LYS A 1 5  ? -0.751 -22.810 -22.289 1.00 88.45  ? 534 LYS A HE3  1 
ATOM   69  H HZ1  . LYS A 1 5  ? -0.932 -21.593 -20.378 1.00 79.90  ? 534 LYS A HZ1  1 
ATOM   70  H HZ2  . LYS A 1 5  ? -0.417 -20.731 -21.423 1.00 79.90  ? 534 LYS A HZ2  1 
ATOM   71  H HZ3  . LYS A 1 5  ? -1.804 -20.628 -21.016 1.00 79.90  ? 534 LYS A HZ3  1 
ATOM   72  N N    . LYS A 1 6  ? -1.196 -17.611 -24.539 1.00 41.71  ? 535 LYS A N    1 
ATOM   73  C CA   . LYS A 1 6  ? -0.003 -17.025 -23.941 1.00 47.46  ? 535 LYS A CA   1 
ATOM   74  C C    . LYS A 1 6  ? -0.203 -15.543 -23.652 1.00 48.14  ? 535 LYS A C    1 
ATOM   75  O O    . LYS A 1 6  ? 0.351  -15.015 -22.691 1.00 44.46  ? 535 LYS A O    1 
ATOM   76  C CB   . LYS A 1 6  ? 1.205  -17.219 -24.857 1.00 44.59  ? 535 LYS A CB   1 
ATOM   77  C CG   . LYS A 1 6  ? 1.668  -18.665 -24.992 1.00 53.29  ? 535 LYS A CG   1 
ATOM   78  C CD   . LYS A 1 6  ? 2.142  -19.262 -23.669 1.00 62.82  ? 535 LYS A CD   1 
ATOM   79  C CE   . LYS A 1 6  ? 3.308  -18.485 -23.073 1.00 62.07  ? 535 LYS A CE   1 
ATOM   80  N NZ   . LYS A 1 6  ? 3.890  -19.172 -21.885 1.00 68.15  ? 535 LYS A NZ   1 
ATOM   81  H H    . LYS A 1 6  ? -1.094 -17.851 -25.359 1.00 50.06  ? 535 LYS A H    1 
ATOM   82  H HA   . LYS A 1 6  ? 0.182  -17.473 -23.101 1.00 56.95  ? 535 LYS A HA   1 
ATOM   83  H HB2  . LYS A 1 6  ? 0.976  -16.899 -25.744 1.00 53.51  ? 535 LYS A HB2  1 
ATOM   84  H HB3  . LYS A 1 6  ? 1.947  -16.704 -24.505 1.00 53.51  ? 535 LYS A HB3  1 
ATOM   85  H HG2  . LYS A 1 6  ? 0.929  -19.205 -25.316 1.00 63.95  ? 535 LYS A HG2  1 
ATOM   86  H HG3  . LYS A 1 6  ? 2.406  -18.703 -25.620 1.00 63.95  ? 535 LYS A HG3  1 
ATOM   87  H HD2  . LYS A 1 6  ? 1.411  -19.243 -23.031 1.00 75.38  ? 535 LYS A HD2  1 
ATOM   88  H HD3  . LYS A 1 6  ? 2.433  -20.175 -23.817 1.00 75.38  ? 535 LYS A HD3  1 
ATOM   89  H HE2  . LYS A 1 6  ? 4.005  -18.395 -23.741 1.00 74.48  ? 535 LYS A HE2  1 
ATOM   90  H HE3  . LYS A 1 6  ? 2.998  -17.610 -22.794 1.00 74.48  ? 535 LYS A HE3  1 
ATOM   91  H HZ1  . LYS A 1 6  ? 3.270  -19.263 -21.252 1.00 81.79  ? 535 LYS A HZ1  1 
ATOM   92  H HZ2  . LYS A 1 6  ? 4.188  -19.979 -22.115 1.00 81.79  ? 535 LYS A HZ2  1 
ATOM   93  H HZ3  . LYS A 1 6  ? 4.567  -18.696 -21.559 1.00 81.79  ? 535 LYS A HZ3  1 
ATOM   94  N N    . GLU A 1 7  ? -0.987 -14.875 -24.493 1.00 45.55  ? 536 GLU A N    1 
ATOM   95  C CA   . GLU A 1 7  ? -1.320 -13.473 -24.278 1.00 48.37  ? 536 GLU A CA   1 
ATOM   96  C C    . GLU A 1 7  ? -2.136 -13.318 -22.998 1.00 48.92  ? 536 GLU A C    1 
ATOM   97  O O    . GLU A 1 7  ? -1.799 -12.514 -22.129 1.00 49.17  ? 536 GLU A O    1 
ATOM   98  C CB   . GLU A 1 7  ? -2.097 -12.911 -25.472 1.00 53.21  ? 536 GLU A CB   1 
ATOM   99  C CG   . GLU A 1 7  ? -1.250 -12.644 -26.708 1.00 54.42  ? 536 GLU A CG   1 
ATOM   100 C CD   . GLU A 1 7  ? -0.431 -11.373 -26.601 1.00 65.37  ? 536 GLU A CD   1 
ATOM   101 O OE1  . GLU A 1 7  ? -0.337 -10.810 -25.490 1.00 78.65  ? 536 GLU A OE1  1 
ATOM   102 O OE2  . GLU A 1 7  ? 0.117  -10.934 -27.634 1.00 74.13  ? 536 GLU A OE2  1 
ATOM   103 H H    . GLU A 1 7  ? -1.340 -15.215 -25.200 1.00 54.66  ? 536 GLU A H    1 
ATOM   104 H HA   . GLU A 1 7  ? -0.501 -12.962 -24.180 1.00 58.04  ? 536 GLU A HA   1 
ATOM   105 H HB2  . GLU A 1 7  ? -2.786 -13.546 -25.719 1.00 63.85  ? 536 GLU A HB2  1 
ATOM   106 H HB3  . GLU A 1 7  ? -2.505 -12.071 -25.208 1.00 63.85  ? 536 GLU A HB3  1 
ATOM   107 H HG2  . GLU A 1 7  ? -0.638 -13.385 -26.837 1.00 65.31  ? 536 GLU A HG2  1 
ATOM   108 H HG3  . GLU A 1 7  ? -1.834 -12.559 -27.478 1.00 65.31  ? 536 GLU A HG3  1 
ATOM   109 N N    . ILE A 1 8  ? -3.206 -14.100 -22.891 1.00 43.56  ? 537 ILE A N    1 
ATOM   110 C CA   . ILE A 1 8  ? -4.088 -14.060 -21.728 1.00 48.45  ? 537 ILE A CA   1 
ATOM   111 C C    . ILE A 1 8  ? -3.323 -14.430 -20.461 1.00 49.75  ? 537 ILE A C    1 
ATOM   112 O O    . ILE A 1 8  ? -3.514 -13.824 -19.409 1.00 43.27  ? 537 ILE A O    1 
ATOM   113 C CB   . ILE A 1 8  ? -5.294 -15.009 -21.917 1.00 43.47  ? 537 ILE A CB   1 
ATOM   114 C CG1  . ILE A 1 8  ? -6.264 -14.404 -22.935 1.00 40.63  ? 537 ILE A CG1  1 
ATOM   115 C CG2  . ILE A 1 8  ? -6.006 -15.266 -20.595 1.00 55.88  ? 537 ILE A CG2  1 
ATOM   116 C CD1  . ILE A 1 8  ? -7.358 -15.349 -23.390 1.00 51.74  ? 537 ILE A CD1  1 
ATOM   117 H H    . ILE A 1 8  ? -3.446 -14.671 -23.487 1.00 52.27  ? 537 ILE A H    1 
ATOM   118 H HA   . ILE A 1 8  ? -4.429 -13.158 -21.621 1.00 58.14  ? 537 ILE A HA   1 
ATOM   119 H HB   . ILE A 1 8  ? -4.971 -15.854 -22.264 1.00 52.16  ? 537 ILE A HB   1 
ATOM   120 H HG12 . ILE A 1 8  ? -6.691 -13.630 -22.537 1.00 48.76  ? 537 ILE A HG12 1 
ATOM   121 H HG13 . ILE A 1 8  ? -5.763 -14.135 -23.721 1.00 48.76  ? 537 ILE A HG13 1 
ATOM   122 H HG21 . ILE A 1 8  ? -6.755 -15.863 -20.751 1.00 67.05  ? 537 ILE A HG21 1 
ATOM   123 H HG22 . ILE A 1 8  ? -5.382 -15.673 -19.975 1.00 67.05  ? 537 ILE A HG22 1 
ATOM   124 H HG23 . ILE A 1 8  ? -6.324 -14.422 -20.238 1.00 67.05  ? 537 ILE A HG23 1 
ATOM   125 H HD11 . ILE A 1 8  ? -7.925 -14.890 -24.030 1.00 62.09  ? 537 ILE A HD11 1 
ATOM   126 H HD12 . ILE A 1 8  ? -6.951 -16.125 -23.805 1.00 62.09  ? 537 ILE A HD12 1 
ATOM   127 H HD13 . ILE A 1 8  ? -7.880 -15.620 -22.619 1.00 62.09  ? 537 ILE A HD13 1 
ATOM   128 N N    . GLU A 1 9  ? -2.455 -15.428 -20.577 1.00 48.49  ? 538 GLU A N    1 
ATOM   129 C CA   . GLU A 1 9  ? -1.629 -15.871 -19.461 1.00 47.95  ? 538 GLU A CA   1 
ATOM   130 C C    . GLU A 1 9  ? -0.734 -14.743 -18.955 1.00 49.31  ? 538 GLU A C    1 
ATOM   131 O O    . GLU A 1 9  ? -0.592 -14.547 -17.749 1.00 50.47  ? 538 GLU A O    1 
ATOM   132 C CB   . GLU A 1 9  ? -0.786 -17.076 -19.889 1.00 57.88  ? 538 GLU A CB   1 
ATOM   133 C CG   . GLU A 1 9  ? 0.460  -17.312 -19.056 1.00 60.67  ? 538 GLU A CG   1 
ATOM   134 C CD   . GLU A 1 9  ? 1.175  -18.591 -19.443 1.00 74.69  ? 538 GLU A CD   1 
ATOM   135 O OE1  . GLU A 1 9  ? 2.406  -18.548 -19.645 1.00 76.15  ? 538 GLU A OE1  1 
ATOM   136 O OE2  . GLU A 1 9  ? 0.505  -19.640 -19.543 1.00 87.38  ? 538 GLU A OE2  1 
ATOM   137 H H    . GLU A 1 9  ? -2.324 -15.871 -21.302 1.00 58.19  ? 538 GLU A H    1 
ATOM   138 H HA   . GLU A 1 9  ? -2.204 -16.150 -18.731 1.00 57.55  ? 538 GLU A HA   1 
ATOM   139 H HB2  . GLU A 1 9  ? -1.335 -17.873 -19.829 1.00 69.45  ? 538 GLU A HB2  1 
ATOM   140 H HB3  . GLU A 1 9  ? -0.503 -16.943 -20.807 1.00 69.45  ? 538 GLU A HB3  1 
ATOM   141 H HG2  . GLU A 1 9  ? 1.074  -16.573 -19.184 1.00 72.80  ? 538 GLU A HG2  1 
ATOM   142 H HG3  . GLU A 1 9  ? 0.209  -17.379 -18.121 1.00 72.80  ? 538 GLU A HG3  1 
ATOM   143 N N    . ALA A 1 10 ? -0.134 -14.005 -19.882 1.00 45.25  ? 539 ALA A N    1 
ATOM   144 C CA   . ALA A 1 10 ? 0.728  -12.883 -19.530 1.00 49.92  ? 539 ALA A CA   1 
ATOM   145 C C    . ALA A 1 10 ? -0.065 -11.766 -18.856 1.00 47.84  ? 539 ALA A C    1 
ATOM   146 O O    . ALA A 1 10 ? 0.398  -11.158 -17.891 1.00 49.68  ? 539 ALA A O    1 
ATOM   147 C CB   . ALA A 1 10 ? 1.435  -12.355 -20.768 1.00 53.24  ? 539 ALA A CB   1 
ATOM   148 H H    . ALA A 1 10 ? -0.210 -14.135 -20.728 1.00 54.31  ? 539 ALA A H    1 
ATOM   149 H HA   . ALA A 1 10 ? 1.405  -13.188 -18.906 1.00 59.91  ? 539 ALA A HA   1 
ATOM   150 H HB1  . ALA A 1 10 ? 2.002  -11.610 -20.513 1.00 63.89  ? 539 ALA A HB1  1 
ATOM   151 H HB2  . ALA A 1 10 ? 1.973  -13.065 -21.150 1.00 63.89  ? 539 ALA A HB2  1 
ATOM   152 H HB3  . ALA A 1 10 ? 0.769  -12.060 -21.409 1.00 63.89  ? 539 ALA A HB3  1 
ATOM   153 N N    . ILE A 1 11 ? -1.262 -11.496 -19.371 1.00 47.27  ? 540 ILE A N    1 
ATOM   154 C CA   . ILE A 1 11 ? -2.118 -10.451 -18.819 1.00 48.12  ? 540 ILE A CA   1 
ATOM   155 C C    . ILE A 1 11 ? -2.502 -10.778 -17.377 1.00 47.78  ? 540 ILE A C    1 
ATOM   156 O O    . ILE A 1 11 ? -2.479 -9.905  -16.511 1.00 49.51  ? 540 ILE A O    1 
ATOM   157 C CB   . ILE A 1 11 ? -3.394 -10.259 -19.675 1.00 47.52  ? 540 ILE A CB   1 
ATOM   158 C CG1  . ILE A 1 11 ? -3.026 -9.637  -21.023 1.00 48.32  ? 540 ILE A CG1  1 
ATOM   159 C CG2  . ILE A 1 11 ? -4.402 -9.368  -18.962 1.00 52.75  ? 540 ILE A CG2  1 
ATOM   160 C CD1  . ILE A 1 11 ? -4.162 -9.613  -22.021 1.00 46.38  ? 540 ILE A CD1  1 
ATOM   161 H H    . ILE A 1 11 ? -1.603 -11.908 -20.045 1.00 56.73  ? 540 ILE A H    1 
ATOM   162 H HA   . ILE A 1 11 ? -1.630 -9.613  -18.817 1.00 57.74  ? 540 ILE A HA   1 
ATOM   163 H HB   . ILE A 1 11 ? -3.799 -11.127 -19.831 1.00 57.02  ? 540 ILE A HB   1 
ATOM   164 H HG12 . ILE A 1 11 ? -2.741 -8.722  -20.876 1.00 57.99  ? 540 ILE A HG12 1 
ATOM   165 H HG13 . ILE A 1 11 ? -2.300 -10.148 -21.414 1.00 57.99  ? 540 ILE A HG13 1 
ATOM   166 H HG21 . ILE A 1 11 ? -5.186 -9.268  -19.523 1.00 63.30  ? 540 ILE A HG21 1 
ATOM   167 H HG22 . ILE A 1 11 ? -4.647 -9.782  -18.119 1.00 63.30  ? 540 ILE A HG22 1 
ATOM   168 H HG23 . ILE A 1 11 ? -3.997 -8.502  -18.800 1.00 63.30  ? 540 ILE A HG23 1 
ATOM   169 H HD11 . ILE A 1 11 ? -3.849 -9.205  -22.845 1.00 55.65  ? 540 ILE A HD11 1 
ATOM   170 H HD12 . ILE A 1 11 ? -4.453 -10.521 -22.191 1.00 55.65  ? 540 ILE A HD12 1 
ATOM   171 H HD13 . ILE A 1 11 ? -4.894 -9.094  -21.652 1.00 55.65  ? 540 ILE A HD13 1 
ATOM   172 N N    . LYS A 1 12 ? -2.845 -12.036 -17.120 1.00 42.41  ? 541 LYS A N    1 
ATOM   173 C CA   . LYS A 1 12 ? -3.248 -12.450 -15.781 1.00 47.08  ? 541 LYS A CA   1 
ATOM   174 C C    . LYS A 1 12 ? -2.054 -12.484 -14.832 1.00 50.27  ? 541 LYS A C    1 
ATOM   175 O O    . LYS A 1 12 ? -2.213 -12.328 -13.622 1.00 56.54  ? 541 LYS A O    1 
ATOM   176 C CB   . LYS A 1 12 ? -3.938 -13.815 -15.828 1.00 42.98  ? 541 LYS A CB   1 
ATOM   177 C CG   . LYS A 1 12 ? -5.276 -13.781 -16.555 1.00 47.08  ? 541 LYS A CG   1 
ATOM   178 C CD   . LYS A 1 12 ? -6.186 -14.931 -16.157 1.00 58.92  ? 541 LYS A CD   1 
ATOM   179 C CE   . LYS A 1 12 ? -5.723 -16.250 -16.741 1.00 58.96  ? 541 LYS A CE   1 
ATOM   180 N NZ   . LYS A 1 12 ? -6.778 -17.295 -16.629 1.00 71.01  ? 541 LYS A NZ   1 
ATOM   181 H H    . LYS A 1 12 ? -2.852 -12.668 -17.702 1.00 50.89  ? 541 LYS A H    1 
ATOM   182 H HA   . LYS A 1 12 ? -3.886 -11.807 -15.433 1.00 56.49  ? 541 LYS A HA   1 
ATOM   183 H HB2  . LYS A 1 12 ? -3.363 -14.444 -16.291 1.00 51.57  ? 541 LYS A HB2  1 
ATOM   184 H HB3  . LYS A 1 12 ? -4.099 -14.119 -14.921 1.00 51.57  ? 541 LYS A HB3  1 
ATOM   185 H HG2  . LYS A 1 12 ? -5.730 -12.950 -16.342 1.00 56.50  ? 541 LYS A HG2  1 
ATOM   186 H HG3  . LYS A 1 12 ? -5.119 -13.839 -17.510 1.00 56.50  ? 541 LYS A HG3  1 
ATOM   187 H HD2  . LYS A 1 12 ? -6.192 -15.013 -15.191 1.00 70.70  ? 541 LYS A HD2  1 
ATOM   188 H HD3  . LYS A 1 12 ? -7.083 -14.754 -16.482 1.00 70.70  ? 541 LYS A HD3  1 
ATOM   189 H HE2  . LYS A 1 12 ? -5.514 -16.129 -17.680 1.00 70.75  ? 541 LYS A HE2  1 
ATOM   190 H HE3  . LYS A 1 12 ? -4.939 -16.555 -16.259 1.00 70.75  ? 541 LYS A HE3  1 
ATOM   191 H HZ1  . LYS A 1 12 ? -6.486 -18.060 -16.977 1.00 85.21  ? 541 LYS A HZ1  1 
ATOM   192 H HZ2  . LYS A 1 12 ? -6.986 -17.427 -15.773 1.00 85.21  ? 541 LYS A HZ2  1 
ATOM   193 H HZ3  . LYS A 1 12 ? -7.509 -17.038 -17.067 1.00 85.21  ? 541 LYS A HZ3  1 
ATOM   194 N N    . LYS A 1 13 ? -0.858 -12.683 -15.378 1.00 50.58  ? 542 LYS A N    1 
ATOM   195 C CA   . LYS A 1 13 ? 0.365  -12.562 -14.590 1.00 48.26  ? 542 LYS A CA   1 
ATOM   196 C C    . LYS A 1 13 ? 0.575  -11.112 -14.181 1.00 49.12  ? 542 LYS A C    1 
ATOM   197 O O    . LYS A 1 13 ? 1.014  -10.826 -13.068 1.00 49.49  ? 542 LYS A O    1 
ATOM   198 C CB   . LYS A 1 13 ? 1.578  -13.060 -15.376 1.00 55.94  ? 542 LYS A CB   1 
ATOM   199 C CG   . LYS A 1 13 ? 1.888  -14.537 -15.203 1.00 61.42  ? 542 LYS A CG   1 
ATOM   200 C CD   . LYS A 1 13 ? 3.073  -14.942 -16.068 1.00 57.76  ? 542 LYS A CD   1 
ATOM   201 C CE   . LYS A 1 13 ? 3.418  -16.411 -15.900 1.00 61.71  ? 542 LYS A CE   1 
ATOM   202 N NZ   . LYS A 1 13 ? 4.547  -16.816 -16.780 1.00 64.25  ? 542 LYS A NZ   1 
ATOM   203 H H    . LYS A 1 13 ? -0.728 -12.890 -16.203 1.00 60.69  ? 542 LYS A H    1 
ATOM   204 H HA   . LYS A 1 13 ? 0.282  -13.097 -13.785 1.00 57.92  ? 542 LYS A HA   1 
ATOM   205 H HB2  . LYS A 1 13 ? 1.421  -12.902 -16.320 1.00 67.12  ? 542 LYS A HB2  1 
ATOM   206 H HB3  . LYS A 1 13 ? 2.359  -12.561 -15.088 1.00 67.12  ? 542 LYS A HB3  1 
ATOM   207 H HG2  . LYS A 1 13 ? 2.111  -14.714 -14.275 1.00 73.70  ? 542 LYS A HG2  1 
ATOM   208 H HG3  . LYS A 1 13 ? 1.119  -15.062 -15.473 1.00 73.70  ? 542 LYS A HG3  1 
ATOM   209 H HD2  . LYS A 1 13 ? 2.856  -14.787 -17.000 1.00 69.31  ? 542 LYS A HD2  1 
ATOM   210 H HD3  . LYS A 1 13 ? 3.848  -14.418 -15.812 1.00 69.31  ? 542 LYS A HD3  1 
ATOM   211 H HE2  . LYS A 1 13 ? 3.677  -16.575 -14.980 1.00 74.06  ? 542 LYS A HE2  1 
ATOM   212 H HE3  . LYS A 1 13 ? 2.645  -16.949 -16.132 1.00 74.06  ? 542 LYS A HE3  1 
ATOM   213 H HZ1  . LYS A 1 13 ? 4.729  -17.679 -16.663 1.00 77.10  ? 542 LYS A HZ1  1 
ATOM   214 H HZ2  . LYS A 1 13 ? 4.332  -16.678 -17.633 1.00 77.10  ? 542 LYS A HZ2  1 
ATOM   215 H HZ3  . LYS A 1 13 ? 5.272  -16.338 -16.584 1.00 77.10  ? 542 LYS A HZ3  1 
ATOM   216 N N    . GLU A 1 14 ? 0.265  -10.200 -15.097 1.00 50.64  ? 543 GLU A N    1 
ATOM   217 C CA   . GLU A 1 14 ? 0.431  -8.774  -14.854 1.00 51.38  ? 543 GLU A CA   1 
ATOM   218 C C    . GLU A 1 14 ? -0.567 -8.284  -13.810 1.00 54.13  ? 543 GLU A C    1 
ATOM   219 O O    . GLU A 1 14 ? -0.245 -7.430  -12.984 1.00 54.67  ? 543 GLU A O    1 
ATOM   220 C CB   . GLU A 1 14 ? 0.263  -7.988  -16.157 1.00 61.27  ? 543 GLU A CB   1 
ATOM   221 C CG   . GLU A 1 14 ? 0.526  -6.496  -16.027 1.00 65.12  ? 543 GLU A CG   1 
ATOM   222 C CD   . GLU A 1 14 ? 1.959  -6.188  -15.639 1.00 84.61  ? 543 GLU A CD   1 
ATOM   223 O OE1  . GLU A 1 14 ? 2.867  -6.925  -16.077 1.00 83.30  ? 543 GLU A OE1  1 
ATOM   224 O OE2  . GLU A 1 14 ? 2.175  -5.212  -14.892 1.00 98.52  ? 543 GLU A OE2  1 
ATOM   225 H H    . GLU A 1 14 ? -0.047 -10.386 -15.876 1.00 60.77  ? 543 GLU A H    1 
ATOM   226 H HA   . GLU A 1 14 ? 1.325  -8.611  -14.517 1.00 61.65  ? 543 GLU A HA   1 
ATOM   227 H HB2  . GLU A 1 14 ? 0.883  -8.341  -16.815 1.00 73.53  ? 543 GLU A HB2  1 
ATOM   228 H HB3  . GLU A 1 14 ? -0.648 -8.101  -16.473 1.00 73.53  ? 543 GLU A HB3  1 
ATOM   229 H HG2  . GLU A 1 14 ? 0.347  -6.067  -16.880 1.00 78.14  ? 543 GLU A HG2  1 
ATOM   230 H HG3  . GLU A 1 14 ? -0.055 -6.131  -15.342 1.00 78.14  ? 543 GLU A HG3  1 
ATOM   231 N N    . GLN A 1 15 ? -1.779 -8.829  -13.847 1.00 47.92  ? 544 GLN A N    1 
ATOM   232 C CA   . GLN A 1 15 ? -2.819 -8.436  -12.904 1.00 51.67  ? 544 GLN A CA   1 
ATOM   233 C C    . GLN A 1 15 ? -2.476 -8.855  -11.477 1.00 52.56  ? 544 GLN A C    1 
ATOM   234 O O    . GLN A 1 15 ? -2.672 -8.086  -10.538 1.00 51.12  ? 544 GLN A O    1 
ATOM   235 C CB   . GLN A 1 15 ? -4.166 -9.032  -13.313 1.00 45.59  ? 544 GLN A CB   1 
ATOM   236 C CG   . GLN A 1 15 ? -4.792 -8.360  -14.520 1.00 51.39  ? 544 GLN A CG   1 
ATOM   237 C CD   . GLN A 1 15 ? -6.266 -8.668  -14.656 1.00 58.67  ? 544 GLN A CD   1 
ATOM   238 O OE1  . GLN A 1 15 ? -6.715 -9.768  -14.334 1.00 62.57  ? 544 GLN A OE1  1 
ATOM   239 N NE2  . GLN A 1 15 ? -7.033 -7.692  -15.130 1.00 56.45  ? 544 GLN A NE2  1 
ATOM   240 H H    . GLN A 1 15 ? -2.025 -9.431  -14.411 1.00 57.51  ? 544 GLN A H    1 
ATOM   241 H HA   . GLN A 1 15 ? -2.906 -7.469  -12.917 1.00 62.00  ? 544 GLN A HA   1 
ATOM   242 H HB2  . GLN A 1 15 ? -4.041 -9.970  -13.528 1.00 54.71  ? 544 GLN A HB2  1 
ATOM   243 H HB3  . GLN A 1 15 ? -4.785 -8.944  -12.570 1.00 54.71  ? 544 GLN A HB3  1 
ATOM   244 H HG2  . GLN A 1 15 ? -4.692 -7.399  -14.434 1.00 61.66  ? 544 GLN A HG2  1 
ATOM   245 H HG3  . GLN A 1 15 ? -4.345 -8.670  -15.322 1.00 61.66  ? 544 GLN A HG3  1 
ATOM   246 H HE21 . GLN A 1 15 ? -6.684 -6.935  -15.340 1.00 67.74  ? 544 GLN A HE21 1 
ATOM   247 H HE22 . GLN A 1 15 ? -7.879 -7.817  -15.226 1.00 67.74  ? 544 GLN A HE22 1 
ATOM   248 N N    . GLU A 1 16 ? -1.969 -10.074 -11.317 1.00 53.73  ? 545 GLU A N    1 
ATOM   249 C CA   . GLU A 1 16 ? -1.573 -10.567 -10.000 1.00 58.85  ? 545 GLU A CA   1 
ATOM   250 C C    . GLU A 1 16 ? -0.437 -9.730  -9.422  1.00 54.26  ? 545 GLU A C    1 
ATOM   251 O O    . GLU A 1 16 ? -0.392 -9.474  -8.219  1.00 57.73  ? 545 GLU A O    1 
ATOM   252 C CB   . GLU A 1 16 ? -1.155 -12.038 -10.078 1.00 61.09  ? 545 GLU A CB   1 
ATOM   253 C CG   . GLU A 1 16 ? -2.296 -13.019 -9.838  1.00 68.08  ? 545 GLU A CG   1 
ATOM   254 C CD   . GLU A 1 16 ? -2.860 -12.934 -8.429  1.00 85.80  ? 545 GLU A CD   1 
ATOM   255 O OE1  . GLU A 1 16 ? -2.091 -12.634 -7.491  1.00 70.12  ? 545 GLU A OE1  1 
ATOM   256 O OE2  . GLU A 1 16 ? -4.076 -13.164 -8.263  1.00 88.12  ? 545 GLU A OE2  1 
ATOM   257 H H    . GLU A 1 16 ? -1.844 -10.636 -11.954 1.00 64.47  ? 545 GLU A H    1 
ATOM   258 H HA   . GLU A 1 16 ? -2.330 -10.502 -9.397  1.00 70.62  ? 545 GLU A HA   1 
ATOM   259 H HB2  . GLU A 1 16 ? -0.796 -12.214 -10.962 1.00 73.31  ? 545 GLU A HB2  1 
ATOM   260 H HB3  . GLU A 1 16 ? -0.475 -12.205 -9.407  1.00 73.31  ? 545 GLU A HB3  1 
ATOM   261 H HG2  . GLU A 1 16 ? -3.015 -12.827 -10.461 1.00 81.70  ? 545 GLU A HG2  1 
ATOM   262 H HG3  . GLU A 1 16 ? -1.971 -13.922 -9.976  1.00 81.70  ? 545 GLU A HG3  1 
ATOM   263 N N    . ALA A 1 17 ? 0.480  -9.307  -10.285 1.00 46.74  ? 546 ALA A N    1 
ATOM   264 C CA   . ALA A 1 17 ? 1.584  -8.454  -9.867  1.00 51.00  ? 546 ALA A CA   1 
ATOM   265 C C    . ALA A 1 17 ? 1.063  -7.081  -9.447  1.00 51.88  ? 546 ALA A C    1 
ATOM   266 O O    . ALA A 1 17 ? 1.511  -6.514  -8.449  1.00 52.93  ? 546 ALA A O    1 
ATOM   267 C CB   . ALA A 1 17 ? 2.603  -8.319  -10.984 1.00 50.88  ? 546 ALA A CB   1 
ATOM   268 H H    . ALA A 1 17 ? 0.485  -9.501  -11.124 1.00 56.08  ? 546 ALA A H    1 
ATOM   269 H HA   . ALA A 1 17 ? 2.025  -8.856  -9.103  1.00 61.20  ? 546 ALA A HA   1 
ATOM   270 H HB1  . ALA A 1 17 ? 3.327  -7.748  -10.683 1.00 61.05  ? 546 ALA A HB1  1 
ATOM   271 H HB2  . ALA A 1 17 ? 2.945  -9.199  -11.207 1.00 61.05  ? 546 ALA A HB2  1 
ATOM   272 H HB3  . ALA A 1 17 ? 2.171  -7.925  -11.759 1.00 61.05  ? 546 ALA A HB3  1 
ATOM   273 N N    . ILE A 1 18 ? 0.113  -6.556  -10.217 1.00 47.70  ? 547 ILE A N    1 
ATOM   274 C CA   . ILE A 1 18 ? -0.518 -5.277  -9.908  1.00 48.96  ? 547 ILE A CA   1 
ATOM   275 C C    . ILE A 1 18 ? -1.251 -5.355  -8.571  1.00 49.85  ? 547 ILE A C    1 
ATOM   276 O O    . ILE A 1 18 ? -1.116 -4.465  -7.729  1.00 49.81  ? 547 ILE A O    1 
ATOM   277 C CB   . ILE A 1 18 ? -1.496 -4.851  -11.032 1.00 45.94  ? 547 ILE A CB   1 
ATOM   278 C CG1  . ILE A 1 18 ? -0.713 -4.278  -12.214 1.00 47.70  ? 547 ILE A CG1  1 
ATOM   279 C CG2  . ILE A 1 18 ? -2.495 -3.819  -10.530 1.00 45.20  ? 547 ILE A CG2  1 
ATOM   280 C CD1  . ILE A 1 18 ? -1.513 -4.167  -13.493 1.00 49.23  ? 547 ILE A CD1  1 
ATOM   281 H H    . ILE A 1 18 ? -0.187 -6.927  -10.932 1.00 57.24  ? 547 ILE A H    1 
ATOM   282 H HA   . ILE A 1 18 ? 0.169  -4.595  -9.835  1.00 58.76  ? 547 ILE A HA   1 
ATOM   283 H HB   . ILE A 1 18 ? -1.983 -5.634  -11.332 1.00 55.12  ? 547 ILE A HB   1 
ATOM   284 H HG12 . ILE A 1 18 ? -0.403 -3.389  -11.981 1.00 57.24  ? 547 ILE A HG12 1 
ATOM   285 H HG13 . ILE A 1 18 ? 0.049  -4.853  -12.391 1.00 57.24  ? 547 ILE A HG13 1 
ATOM   286 H HG21 . ILE A 1 18 ? -3.090 -3.577  -11.257 1.00 54.24  ? 547 ILE A HG21 1 
ATOM   287 H HG22 . ILE A 1 18 ? -3.004 -4.203  -9.799  1.00 54.24  ? 547 ILE A HG22 1 
ATOM   288 H HG23 . ILE A 1 18 ? -2.012 -3.037  -10.222 1.00 54.24  ? 547 ILE A HG23 1 
ATOM   289 H HD11 . ILE A 1 18 ? -0.947 -3.797  -14.189 1.00 59.08  ? 547 ILE A HD11 1 
ATOM   290 H HD12 . ILE A 1 18 ? -1.820 -5.050  -13.750 1.00 59.08  ? 547 ILE A HD12 1 
ATOM   291 H HD13 . ILE A 1 18 ? -2.273 -3.583  -13.339 1.00 59.08  ? 547 ILE A HD13 1 
ATOM   292 N N    . LYS A 1 19 ? -2.012 -6.428  -8.377  1.00 47.11  ? 548 LYS A N    1 
ATOM   293 C CA   . LYS A 1 19 ? -2.766 -6.623  -7.142  1.00 46.39  ? 548 LYS A CA   1 
ATOM   294 C C    . LYS A 1 19 ? -1.849 -6.638  -5.921  1.00 55.21  ? 548 LYS A C    1 
ATOM   295 O O    . LYS A 1 19 ? -2.234 -6.182  -4.846  1.00 51.97  ? 548 LYS A O    1 
ATOM   296 C CB   . LYS A 1 19 ? -3.570 -7.924  -7.205  1.00 54.36  ? 548 LYS A CB   1 
ATOM   297 C CG   . LYS A 1 19 ? -4.871 -7.806  -7.988  1.00 51.15  ? 548 LYS A CG   1 
ATOM   298 C CD   . LYS A 1 19 ? -5.769 -9.019  -7.784  1.00 61.04  ? 548 LYS A CD   1 
ATOM   299 C CE   . LYS A 1 19 ? -5.569 -10.060 -8.872  1.00 67.46  ? 548 LYS A CE   1 
ATOM   300 N NZ   . LYS A 1 19 ? -6.479 -11.226 -8.693  1.00 72.17  ? 548 LYS A NZ   1 
ATOM   301 H H    . LYS A 1 19 ? -2.110 -7.062  -8.950  1.00 56.54  ? 548 LYS A H    1 
ATOM   302 H HA   . LYS A 1 19 ? -3.390 -5.890  -7.036  1.00 55.67  ? 548 LYS A HA   1 
ATOM   303 H HB2  . LYS A 1 19 ? -3.028 -8.606  -7.632  1.00 65.23  ? 548 LYS A HB2  1 
ATOM   304 H HB3  . LYS A 1 19 ? -3.791 -8.199  -6.302  1.00 65.23  ? 548 LYS A HB3  1 
ATOM   305 H HG2  . LYS A 1 19 ? -5.354 -7.020  -7.688  1.00 61.38  ? 548 LYS A HG2  1 
ATOM   306 H HG3  . LYS A 1 19 ? -4.670 -7.733  -8.934  1.00 61.38  ? 548 LYS A HG3  1 
ATOM   307 H HD2  . LYS A 1 19 ? -5.560 -9.430  -6.931  1.00 73.25  ? 548 LYS A HD2  1 
ATOM   308 H HD3  . LYS A 1 19 ? -6.696 -8.737  -7.802  1.00 73.25  ? 548 LYS A HD3  1 
ATOM   309 H HE2  . LYS A 1 19 ? -5.755 -9.658  -9.735  1.00 80.95  ? 548 LYS A HE2  1 
ATOM   310 H HE3  . LYS A 1 19 ? -4.654 -10.381 -8.842  1.00 80.95  ? 548 LYS A HE3  1 
ATOM   311 H HZ1  . LYS A 1 19 ? -6.343 -11.819 -9.343  1.00 86.60  ? 548 LYS A HZ1  1 
ATOM   312 H HZ2  . LYS A 1 19 ? -6.324 -11.614 -7.909  1.00 86.60  ? 548 LYS A HZ2  1 
ATOM   313 H HZ3  . LYS A 1 19 ? -7.327 -10.956 -8.721  1.00 86.60  ? 548 LYS A HZ3  1 
ATOM   314 N N    . LYS A 1 20 ? -0.636 -7.153  -6.092  1.00 53.70  ? 549 LYS A N    1 
ATOM   315 C CA   . LYS A 1 20 ? 0.329  -7.204  -4.998  1.00 50.54  ? 549 LYS A CA   1 
ATOM   316 C C    . LYS A 1 20 ? 0.993  -5.849  -4.780  1.00 55.79  ? 549 LYS A C    1 
ATOM   317 O O    . LYS A 1 20 ? 1.304  -5.482  -3.647  1.00 53.28  ? 549 LYS A O    1 
ATOM   318 C CB   . LYS A 1 20 ? 1.389  -8.272  -5.269  1.00 55.18  ? 549 LYS A CB   1 
ATOM   319 C CG   . LYS A 1 20 ? 0.924  -9.684  -4.945  1.00 62.80  ? 549 LYS A CG   1 
ATOM   320 C CD   . LYS A 1 20 ? 2.053  -10.693 -5.075  1.00 69.57  ? 549 LYS A CD   1 
ATOM   321 C CE   . LYS A 1 20 ? 1.738  -11.972 -4.311  1.00 79.56  ? 549 LYS A CE   1 
ATOM   322 N NZ   . LYS A 1 20 ? 2.809  -12.998 -4.453  1.00 81.71  ? 549 LYS A NZ   1 
ATOM   323 H H    . LYS A 1 20 ? -0.346 -7.480  -6.832  1.00 64.45  ? 549 LYS A H    1 
ATOM   324 H HA   . LYS A 1 20 ? -0.134 -7.444  -4.182  1.00 60.65  ? 549 LYS A HA   1 
ATOM   325 H HB2  . LYS A 1 20 ? 1.627  -8.247  -6.210  1.00 66.22  ? 549 LYS A HB2  1 
ATOM   326 H HB3  . LYS A 1 20 ? 2.170  -8.084  -4.727  1.00 66.22  ? 549 LYS A HB3  1 
ATOM   327 H HG2  . LYS A 1 20 ? 0.598  -9.710  -4.032  1.00 75.36  ? 549 LYS A HG2  1 
ATOM   328 H HG3  . LYS A 1 20 ? 0.219  -9.937  -5.561  1.00 75.36  ? 549 LYS A HG3  1 
ATOM   329 H HD2  . LYS A 1 20 ? 2.176  -10.919 -6.010  1.00 83.49  ? 549 LYS A HD2  1 
ATOM   330 H HD3  . LYS A 1 20 ? 2.867  -10.313 -4.710  1.00 83.49  ? 549 LYS A HD3  1 
ATOM   331 H HE2  . LYS A 1 20 ? 1.644  -11.763 -3.369  1.00 95.48  ? 549 LYS A HE2  1 
ATOM   332 H HE3  . LYS A 1 20 ? 0.912  -12.349 -4.653  1.00 95.48  ? 549 LYS A HE3  1 
ATOM   333 H HZ1  . LYS A 1 20 ? 2.590  -13.729 -3.995  1.00 98.05  ? 549 LYS A HZ1  1 
ATOM   334 H HZ2  . LYS A 1 20 ? 2.912  -13.214 -5.310  1.00 98.05  ? 549 LYS A HZ2  1 
ATOM   335 H HZ3  . LYS A 1 20 ? 3.578  -12.680 -4.139  1.00 98.05  ? 549 LYS A HZ3  1 
ATOM   336 N N    . LYS A 1 21 ? 1.215  -5.113  -5.864  1.00 52.13  ? 550 LYS A N    1 
ATOM   337 C CA   . LYS A 1 21 ? 1.720  -3.746  -5.766  1.00 52.28  ? 550 LYS A CA   1 
ATOM   338 C C    . LYS A 1 21 ? 0.747  -2.893  -4.959  1.00 55.33  ? 550 LYS A C    1 
ATOM   339 O O    . LYS A 1 21 ? 1.151  -2.133  -4.077  1.00 49.37  ? 550 LYS A O    1 
ATOM   340 C CB   . LYS A 1 21 ? 1.922  -3.140  -7.157  1.00 56.30  ? 550 LYS A CB   1 
ATOM   341 C CG   . LYS A 1 21 ? 3.376  -3.019  -7.588  1.00 68.07  ? 550 LYS A CG   1 
ATOM   342 C CD   . LYS A 1 21 ? 4.084  -1.892  -6.855  1.00 70.60  ? 550 LYS A CD   1 
ATOM   343 C CE   . LYS A 1 21 ? 5.524  -1.749  -7.321  1.00 84.32  ? 550 LYS A CE   1 
ATOM   344 N NZ   . LYS A 1 21 ? 6.320  -0.867  -6.424  1.00 91.75  ? 550 LYS A NZ   1 
ATOM   345 H H    . LYS A 1 21 ? 1.081  -5.381  -6.669  1.00 62.56  ? 550 LYS A H    1 
ATOM   346 H HA   . LYS A 1 21 ? 2.574  -3.751  -5.308  1.00 62.74  ? 550 LYS A HA   1 
ATOM   347 H HB2  . LYS A 1 21 ? 1.469  -3.698  -7.808  1.00 67.56  ? 550 LYS A HB2  1 
ATOM   348 H HB3  . LYS A 1 21 ? 1.539  -2.250  -7.166  1.00 67.56  ? 550 LYS A HB3  1 
ATOM   349 H HG2  . LYS A 1 21 ? 3.839  -3.848  -7.390  1.00 81.68  ? 550 LYS A HG2  1 
ATOM   350 H HG3  . LYS A 1 21 ? 3.413  -2.834  -8.539  1.00 81.68  ? 550 LYS A HG3  1 
ATOM   351 H HD2  . LYS A 1 21 ? 3.623  -1.056  -7.029  1.00 84.72  ? 550 LYS A HD2  1 
ATOM   352 H HD3  . LYS A 1 21 ? 4.089  -2.081  -5.904  1.00 84.72  ? 550 LYS A HD3  1 
ATOM   353 H HE2  . LYS A 1 21 ? 5.943  -2.624  -7.334  1.00 101.18 ? 550 LYS A HE2  1 
ATOM   354 H HE3  . LYS A 1 21 ? 5.533  -1.362  -8.210  1.00 101.18 ? 550 LYS A HE3  1 
ATOM   355 H HZ1  . LYS A 1 21 ? 7.157  -0.803  -6.723  1.00 110.10 ? 550 LYS A HZ1  1 
ATOM   356 H HZ2  . LYS A 1 21 ? 5.960  -0.053  -6.398  1.00 110.10 ? 550 LYS A HZ2  1 
ATOM   357 H HZ3  . LYS A 1 21 ? 6.333  -1.203  -5.600  1.00 110.10 ? 550 LYS A HZ3  1 
ATOM   358 N N    . ILE A 1 22 ? -0.537 -3.032  -5.270  1.00 49.42  ? 551 ILE A N    1 
ATOM   359 C CA   . ILE A 1 22 ? -1.589 -2.312  -4.564  1.00 48.00  ? 551 ILE A CA   1 
ATOM   360 C C    . ILE A 1 22 ? -1.612 -2.724  -3.096  1.00 58.33  ? 551 ILE A C    1 
ATOM   361 O O    . ILE A 1 22 ? -1.841 -1.896  -2.212  1.00 48.83  ? 551 ILE A O    1 
ATOM   362 C CB   . ILE A 1 22 ? -2.971 -2.565  -5.220  1.00 52.73  ? 551 ILE A CB   1 
ATOM   363 C CG1  . ILE A 1 22 ? -3.007 -1.898  -6.601  1.00 45.22  ? 551 ILE A CG1  1 
ATOM   364 C CG2  . ILE A 1 22 ? -4.102 -2.052  -4.336  1.00 63.50  ? 551 ILE A CG2  1 
ATOM   365 C CD1  . ILE A 1 22 ? -4.345 -1.964  -7.310  1.00 54.54  ? 551 ILE A CD1  1 
ATOM   366 H H    . ILE A 1 22 ? -0.829 -3.546  -5.894  1.00 59.30  ? 551 ILE A H    1 
ATOM   367 H HA   . ILE A 1 22 ? -1.404 -1.360  -4.608  1.00 57.60  ? 551 ILE A HA   1 
ATOM   368 H HB   . ILE A 1 22 ? -3.083 -3.521  -5.338  1.00 63.28  ? 551 ILE A HB   1 
ATOM   369 H HG12 . ILE A 1 22 ? -2.776 -0.962  -6.499  1.00 54.27  ? 551 ILE A HG12 1 
ATOM   370 H HG13 . ILE A 1 22 ? -2.353 -2.335  -7.171  1.00 54.27  ? 551 ILE A HG13 1 
ATOM   371 H HG21 . ILE A 1 22 ? -4.949 -2.226  -4.776  1.00 76.20  ? 551 ILE A HG21 1 
ATOM   372 H HG22 . ILE A 1 22 ? -4.070 -2.513  -3.484  1.00 76.20  ? 551 ILE A HG22 1 
ATOM   373 H HG23 . ILE A 1 22 ? -3.988 -1.097  -4.202  1.00 76.20  ? 551 ILE A HG23 1 
ATOM   374 H HD11 . ILE A 1 22 ? -4.269 -1.520  -8.169  1.00 65.45  ? 551 ILE A HD11 1 
ATOM   375 H HD12 . ILE A 1 22 ? -4.589 -2.894  -7.439  1.00 65.45  ? 551 ILE A HD12 1 
ATOM   376 H HD13 . ILE A 1 22 ? -5.013 -1.519  -6.765  1.00 65.45  ? 551 ILE A HD13 1 
ATOM   377 N N    . GLU A 1 23 ? -1.369 -4.006  -2.843  1.00 52.65  ? 552 GLU A N    1 
ATOM   378 C CA   . GLU A 1 23 ? -1.330 -4.525  -1.483  1.00 58.73  ? 552 GLU A CA   1 
ATOM   379 C C    . GLU A 1 23 ? -0.216 -3.848  -0.691  1.00 58.98  ? 552 GLU A C    1 
ATOM   380 O O    . GLU A 1 23 ? -0.405 -3.460  0.462   1.00 58.90  ? 552 GLU A O    1 
ATOM   381 C CB   . GLU A 1 23 ? -1.126 -6.041  -1.494  1.00 68.62  ? 552 GLU A CB   1 
ATOM   382 C CG   . GLU A 1 23 ? -1.477 -6.721  -0.183  1.00 80.12  ? 552 GLU A CG   1 
ATOM   383 C CD   . GLU A 1 23 ? -1.234 -8.219  -0.215  1.00 87.11  ? 552 GLU A CD   1 
ATOM   384 O OE1  . GLU A 1 23 ? -0.335 -8.663  -0.961  1.00 80.15  ? 552 GLU A OE1  1 
ATOM   385 O OE2  . GLU A 1 23 ? -1.944 -8.953  0.503   1.00 85.16  ? 552 GLU A OE2  1 
ATOM   386 H H    . GLU A 1 23 ? -1.222 -4.599  -3.448  1.00 63.18  ? 552 GLU A H    1 
ATOM   387 H HA   . GLU A 1 23 ? -2.173 -4.335  -1.044  1.00 70.48  ? 552 GLU A HA   1 
ATOM   388 H HB2  . GLU A 1 23 ? -1.686 -6.426  -2.186  1.00 82.34  ? 552 GLU A HB2  1 
ATOM   389 H HB3  . GLU A 1 23 ? -0.193 -6.229  -1.684  1.00 82.34  ? 552 GLU A HB3  1 
ATOM   390 H HG2  . GLU A 1 23 ? -0.931 -6.344  0.525   1.00 96.15  ? 552 GLU A HG2  1 
ATOM   391 H HG3  . GLU A 1 23 ? -2.416 -6.574  0.009   1.00 96.15  ? 552 GLU A HG3  1 
ATOM   392 N N    . ALA A 1 24 ? 0.944  -3.705  -1.322  1.00 54.17  ? 553 ALA A N    1 
ATOM   393 C CA   . ALA A 1 24 ? 2.092  -3.069  -0.689  1.00 57.51  ? 553 ALA A CA   1 
ATOM   394 C C    . ALA A 1 24 ? 1.825  -1.584  -0.444  1.00 58.30  ? 553 ALA A C    1 
ATOM   395 O O    . ALA A 1 24 ? 2.250  -1.030  0.570   1.00 63.48  ? 553 ALA A O    1 
ATOM   396 C CB   . ALA A 1 24 ? 3.335  -3.253  -1.547  1.00 54.62  ? 553 ALA A CB   1 
ATOM   397 H H    . ALA A 1 24 ? 1.094  -3.971  -2.126  1.00 65.00  ? 553 ALA A H    1 
ATOM   398 H HA   . ALA A 1 24 ? 2.253  -3.491  0.168   1.00 69.02  ? 553 ALA A HA   1 
ATOM   399 H HB1  . ALA A 1 24 ? 4.086  -2.823  -1.109  1.00 65.54  ? 553 ALA A HB1  1 
ATOM   400 H HB2  . ALA A 1 24 ? 3.510  -4.202  -1.649  1.00 65.54  ? 553 ALA A HB2  1 
ATOM   401 H HB3  . ALA A 1 24 ? 3.182  -2.849  -2.415  1.00 65.54  ? 553 ALA A HB3  1 
ATOM   402 N N    . ILE A 1 25 ? 1.124  -0.945  -1.376  1.00 50.01  ? 554 ILE A N    1 
ATOM   403 C CA   . ILE A 1 25 ? 0.777  0.468   -1.248  1.00 51.10  ? 554 ILE A CA   1 
ATOM   404 C C    . ILE A 1 25 ? -0.169 0.681   -0.071  1.00 51.98  ? 554 ILE A C    1 
ATOM   405 O O    . ILE A 1 25 ? -0.036 1.651   0.673   1.00 50.77  ? 554 ILE A O    1 
ATOM   406 C CB   . ILE A 1 25 ? 0.137  1.007   -2.548  1.00 50.27  ? 554 ILE A CB   1 
ATOM   407 C CG1  . ILE A 1 25 ? 1.225  1.214   -3.603  1.00 55.80  ? 554 ILE A CG1  1 
ATOM   408 C CG2  . ILE A 1 25 ? -0.614 2.312   -2.293  1.00 54.26  ? 554 ILE A CG2  1 
ATOM   409 C CD1  . ILE A 1 25 ? 0.711  1.651   -4.962  1.00 57.40  ? 554 ILE A CD1  1 
ATOM   410 H H    . ILE A 1 25 ? 0.833  -1.311  -2.098  1.00 60.01  ? 554 ILE A H    1 
ATOM   411 H HA   . ILE A 1 25 ? 1.585  0.976   -1.078  1.00 61.31  ? 554 ILE A HA   1 
ATOM   412 H HB   . ILE A 1 25 ? -0.493 0.348   -2.879  1.00 60.33  ? 554 ILE A HB   1 
ATOM   413 H HG12 . ILE A 1 25 ? 1.837  1.898   -3.287  1.00 66.96  ? 554 ILE A HG12 1 
ATOM   414 H HG13 . ILE A 1 25 ? 1.703  0.379   -3.725  1.00 66.96  ? 554 ILE A HG13 1 
ATOM   415 H HG21 . ILE A 1 25 ? -1.001 2.622   -3.127  1.00 65.12  ? 554 ILE A HG21 1 
ATOM   416 H HG22 . ILE A 1 25 ? -1.314 2.151   -1.641  1.00 65.12  ? 554 ILE A HG22 1 
ATOM   417 H HG23 . ILE A 1 25 ? 0.010  2.972   -1.952  1.00 65.12  ? 554 ILE A HG23 1 
ATOM   418 H HD11 . ILE A 1 25 ? 1.464  1.758   -5.564  1.00 68.88  ? 554 ILE A HD11 1 
ATOM   419 H HD12 . ILE A 1 25 ? 0.108  0.973   -5.303  1.00 68.88  ? 554 ILE A HD12 1 
ATOM   420 H HD13 . ILE A 1 25 ? 0.243  2.494   -4.866  1.00 68.88  ? 554 ILE A HD13 1 
ATOM   421 N N    . GLU A 1 26 ? -1.122 -0.231  0.092   1.00 49.28  ? 555 GLU A N    1 
ATOM   422 C CA   . GLU A 1 26 ? -2.064 -0.166  1.203   1.00 51.56  ? 555 GLU A CA   1 
ATOM   423 C C    . GLU A 1 26 ? -1.339 -0.344  2.533   1.00 54.53  ? 555 GLU A C    1 
ATOM   424 O O    . GLU A 1 26 ? -1.648 0.333   3.512   1.00 53.59  ? 555 GLU A O    1 
ATOM   425 C CB   . GLU A 1 26 ? -3.153 -1.229  1.043   1.00 53.61  ? 555 GLU A CB   1 
ATOM   426 C CG   . GLU A 1 26 ? -4.179 -0.897  -0.032  1.00 64.06  ? 555 GLU A CG   1 
ATOM   427 C CD   . GLU A 1 26 ? -5.141 -2.037  -0.304  1.00 67.87  ? 555 GLU A CD   1 
ATOM   428 O OE1  . GLU A 1 26 ? -4.908 -3.152  0.208   1.00 71.08  ? 555 GLU A OE1  1 
ATOM   429 O OE2  . GLU A 1 26 ? -6.132 -1.817  -1.032  1.00 73.55  ? 555 GLU A OE2  1 
ATOM   430 H H    . GLU A 1 26 ? -1.244 -0.902  -0.431  1.00 59.13  ? 555 GLU A H    1 
ATOM   431 H HA   . GLU A 1 26 ? -2.491 0.705   1.207   1.00 61.87  ? 555 GLU A HA   1 
ATOM   432 H HB2  . GLU A 1 26 ? -2.736 -2.071  0.805   1.00 64.33  ? 555 GLU A HB2  1 
ATOM   433 H HB3  . GLU A 1 26 ? -3.626 -1.322  1.885   1.00 64.33  ? 555 GLU A HB3  1 
ATOM   434 H HG2  . GLU A 1 26 ? -4.698 -0.129  0.254   1.00 76.88  ? 555 GLU A HG2  1 
ATOM   435 H HG3  . GLU A 1 26 ? -3.714 -0.693  -0.859  1.00 76.88  ? 555 GLU A HG3  1 
ATOM   436 N N    . LYS A 1 27 ? -0.370 -1.255  2.556   1.00 55.07  ? 556 LYS A N    1 
ATOM   437 C CA   . LYS A 1 27 ? 0.449  -1.484  3.741   1.00 56.47  ? 556 LYS A CA   1 
ATOM   438 C C    . LYS A 1 27 ? 1.172  -0.209  4.154   1.00 57.45  ? 556 LYS A C    1 
ATOM   439 O O    . LYS A 1 27 ? 1.089  0.220   5.304   1.00 51.75  ? 556 LYS A O    1 
ATOM   440 C CB   . LYS A 1 27 ? 1.467  -2.600  3.482   1.00 69.64  ? 556 LYS A CB   1 
ATOM   441 C CG   . LYS A 1 27 ? 2.434  -2.839  4.634   1.00 76.92  ? 556 LYS A CG   1 
ATOM   442 C CD   . LYS A 1 27 ? 3.385  -3.999  4.355   1.00 91.40  ? 556 LYS A CD   1 
ATOM   443 C CE   . LYS A 1 27 ? 4.744  -3.522  3.848   1.00 104.71 ? 556 LYS A CE   1 
ATOM   444 N NZ   . LYS A 1 27 ? 4.706  -3.026  2.442   1.00 81.06  ? 556 LYS A NZ   1 
ATOM   445 H H    . LYS A 1 27 ? -0.167 -1.759  1.890   1.00 66.09  ? 556 LYS A H    1 
ATOM   446 H HA   . LYS A 1 27 ? -0.123 -1.760  4.475   1.00 67.76  ? 556 LYS A HA   1 
ATOM   447 H HB2  . LYS A 1 27 ? 0.987  -3.428  3.323   1.00 83.56  ? 556 LYS A HB2  1 
ATOM   448 H HB3  . LYS A 1 27 ? 1.991  -2.368  2.699   1.00 83.56  ? 556 LYS A HB3  1 
ATOM   449 H HG2  . LYS A 1 27 ? 2.965  -2.041  4.774   1.00 92.31  ? 556 LYS A HG2  1 
ATOM   450 H HG3  . LYS A 1 27 ? 1.928  -3.050  5.435   1.00 92.31  ? 556 LYS A HG3  1 
ATOM   451 H HD2  . LYS A 1 27 ? 3.527  -4.497  5.176   1.00 109.68 ? 556 LYS A HD2  1 
ATOM   452 H HD3  . LYS A 1 27 ? 2.994  -4.574  3.679   1.00 109.68 ? 556 LYS A HD3  1 
ATOM   453 H HE2  . LYS A 1 27 ? 5.052  -2.796  4.413   1.00 125.65 ? 556 LYS A HE2  1 
ATOM   454 H HE3  . LYS A 1 27 ? 5.371  -4.261  3.888   1.00 125.65 ? 556 LYS A HE3  1 
ATOM   455 H HZ1  . LYS A 1 27 ? 5.518  -2.760  2.194   1.00 97.27  ? 556 LYS A HZ1  1 
ATOM   456 H HZ2  . LYS A 1 27 ? 4.436  -3.675  1.898   1.00 97.27  ? 556 LYS A HZ2  1 
ATOM   457 H HZ3  . LYS A 1 27 ? 4.144  -2.339  2.377   1.00 97.27  ? 556 LYS A HZ3  1 
ATOM   458 N N    . GLU A 1 28 ? 1.881  0.392   3.205   1.00 52.43  ? 557 GLU A N    1 
ATOM   459 C CA   . GLU A 1 28 ? 2.658  1.600   3.465   1.00 55.64  ? 557 GLU A CA   1 
ATOM   460 C C    . GLU A 1 28 ? 1.766  2.791   3.805   1.00 51.11  ? 557 GLU A C    1 
ATOM   461 O O    . GLU A 1 28 ? 2.157  3.668   4.577   1.00 49.06  ? 557 GLU A O    1 
ATOM   462 C CB   . GLU A 1 28 ? 3.530  1.932   2.255   1.00 52.83  ? 557 GLU A CB   1 
ATOM   463 C CG   . GLU A 1 28 ? 4.588  0.882   1.947   1.00 70.33  ? 557 GLU A CG   1 
ATOM   464 C CD   . GLU A 1 28 ? 5.580  0.695   3.078   1.00 80.23  ? 557 GLU A CD   1 
ATOM   465 O OE1  . GLU A 1 28 ? 5.862  1.680   3.792   1.00 69.35  ? 557 GLU A OE1  1 
ATOM   466 O OE2  . GLU A 1 28 ? 6.077  -0.437  3.256   1.00 88.93  ? 557 GLU A OE2  1 
ATOM   467 H H    . GLU A 1 28 ? 1.930  0.117   2.392   1.00 62.91  ? 557 GLU A H    1 
ATOM   468 H HA   . GLU A 1 28 ? 3.243  1.440   4.222   1.00 66.77  ? 557 GLU A HA   1 
ATOM   469 H HB2  . GLU A 1 28 ? 2.961  2.017   1.474   1.00 63.39  ? 557 GLU A HB2  1 
ATOM   470 H HB3  . GLU A 1 28 ? 3.986  2.772   2.421   1.00 63.39  ? 557 GLU A HB3  1 
ATOM   471 H HG2  . GLU A 1 28 ? 4.151  0.031   1.787   1.00 84.40  ? 557 GLU A HG2  1 
ATOM   472 H HG3  . GLU A 1 28 ? 5.081  1.153   1.156   1.00 84.40  ? 557 GLU A HG3  1 
ATOM   473 N N    . LEU A 1 29 ? 0.570  2.819   3.228   1.00 47.83  ? 558 LEU A N    1 
ATOM   474 C CA   . LEU A 1 29 ? -0.363 3.908   3.478   1.00 50.47  ? 558 LEU A CA   1 
ATOM   475 C C    . LEU A 1 29 ? -0.890 3.826   4.907   1.00 52.57  ? 558 LEU A C    1 
ATOM   476 O O    . LEU A 1 29 ? -1.072 4.848   5.566   1.00 52.95  ? 558 LEU A O    1 
ATOM   477 C CB   . LEU A 1 29 ? -1.519 3.870   2.474   1.00 52.67  ? 558 LEU A CB   1 
ATOM   478 C CG   . LEU A 1 29 ? -2.426 5.103   2.411   1.00 56.97  ? 558 LEU A CG   1 
ATOM   479 C CD1  . LEU A 1 29 ? -1.642 6.344   2.016   1.00 58.97  ? 558 LEU A CD1  1 
ATOM   480 C CD2  . LEU A 1 29 ? -3.574 4.872   1.441   1.00 65.18  ? 558 LEU A CD2  1 
ATOM   481 H H    . LEU A 1 29 ? 0.275  2.218   2.688   1.00 57.39  ? 558 LEU A H    1 
ATOM   482 H HA   . LEU A 1 29 ? 0.100  4.754   3.375   1.00 60.56  ? 558 LEU A HA   1 
ATOM   483 H HB2  . LEU A 1 29 ? -1.145 3.746   1.588   1.00 63.20  ? 558 LEU A HB2  1 
ATOM   484 H HB3  . LEU A 1 29 ? -2.083 3.112   2.691   1.00 63.20  ? 558 LEU A HB3  1 
ATOM   485 H HG   . LEU A 1 29 ? -2.806 5.259   3.291   1.00 68.37  ? 558 LEU A HG   1 
ATOM   486 H HD11 . LEU A 1 29 ? -2.245 7.102   1.986   1.00 70.76  ? 558 LEU A HD11 1 
ATOM   487 H HD12 . LEU A 1 29 ? -0.945 6.498   2.673   1.00 70.76  ? 558 LEU A HD12 1 
ATOM   488 H HD13 . LEU A 1 29 ? -1.246 6.200   1.142   1.00 70.76  ? 558 LEU A HD13 1 
ATOM   489 H HD21 . LEU A 1 29 ? -4.133 5.664   1.419   1.00 78.21  ? 558 LEU A HD21 1 
ATOM   490 H HD22 . LEU A 1 29 ? -3.210 4.699   0.559   1.00 78.21  ? 558 LEU A HD22 1 
ATOM   491 H HD23 . LEU A 1 29 ? -4.092 4.109   1.741   1.00 78.21  ? 558 LEU A HD23 1 
ATOM   492 N N    . ARG A 1 30 ? -1.118 2.605   5.386   1.00 53.37  ? 559 ARG A N    1 
ATOM   493 C CA   . ARG A 1 30 ? -1.619 2.404   6.742   1.00 57.48  ? 559 ARG A CA   1 
ATOM   494 C C    . ARG A 1 30 ? -0.553 2.779   7.763   1.00 54.49  ? 559 ARG A C    1 
ATOM   495 O O    . ARG A 1 30 ? -0.848 3.432   8.763   1.00 58.86  ? 559 ARG A O    1 
ATOM   496 C CB   . ARG A 1 30 ? -2.056 0.955   6.961   1.00 63.55  ? 559 ARG A CB   1 
ATOM   497 C CG   . ARG A 1 30 ? -3.162 0.802   8.008   1.00 86.15  ? 559 ARG A CG   1 
ATOM   498 C CD   . ARG A 1 30 ? -4.585 0.979   7.443   1.00 114.33 ? 559 ARG A CD   1 
ATOM   499 N NE   . ARG A 1 30 ? -4.645 1.575   6.107   1.00 110.25 ? 559 ARG A NE   1 
ATOM   500 C CZ   . ARG A 1 30 ? -5.776 1.780   5.435   1.00 122.36 ? 559 ARG A CZ   1 
ATOM   501 N NH1  . ARG A 1 30 ? -6.944 1.451   5.969   1.00 137.15 ? 559 ARG A NH1  1 
ATOM   502 N NH2  . ARG A 1 30 ? -5.740 2.323   4.227   1.00 113.27 ? 559 ARG A NH2  1 
ATOM   503 H H    . ARG A 1 30 ? -0.990 1.877   4.946   1.00 64.05  ? 559 ARG A H    1 
ATOM   504 H HA   . ARG A 1 30 ? -2.389 2.977   6.884   1.00 68.97  ? 559 ARG A HA   1 
ATOM   505 H HB2  . ARG A 1 30 ? -2.387 0.597   6.123   1.00 76.26  ? 559 ARG A HB2  1 
ATOM   506 H HB3  . ARG A 1 30 ? -1.290 0.439   7.260   1.00 76.26  ? 559 ARG A HB3  1 
ATOM   507 H HG2  . ARG A 1 30 ? -3.105 -0.085  8.395   1.00 103.38 ? 559 ARG A HG2  1 
ATOM   508 H HG3  . ARG A 1 30 ? -3.032 1.471   8.699   1.00 103.38 ? 559 ARG A HG3  1 
ATOM   509 H HD2  . ARG A 1 30 ? -5.009 0.108   7.395   1.00 137.19 ? 559 ARG A HD2  1 
ATOM   510 H HD3  . ARG A 1 30 ? -5.086 1.554   8.042   1.00 137.19 ? 559 ARG A HD3  1 
ATOM   511 H HE   . ARG A 1 30 ? -3.902 1.730   5.701   1.00 132.30 ? 559 ARG A HE   1 
ATOM   512 H HH11 . ARG A 1 30 ? -6.974 1.098   6.753   1.00 164.59 ? 559 ARG A HH11 1 
ATOM   513 H HH12 . ARG A 1 30 ? -7.671 1.588   5.531   1.00 164.59 ? 559 ARG A HH12 1 
ATOM   514 H HH21 . ARG A 1 30 ? -4.987 2.541   3.876   1.00 135.93 ? 559 ARG A HH21 1 
ATOM   515 H HH22 . ARG A 1 30 ? -6.472 2.458   3.795   1.00 135.93 ? 559 ARG A HH22 1 
ATOM   516 N N    . GLN A 1 31 ? 0.681  2.354   7.509   1.00 50.26  ? 560 GLN A N    1 
ATOM   517 C CA   . GLN A 1 31 ? 1.801  2.687   8.380   1.00 53.58  ? 560 GLN A CA   1 
ATOM   518 C C    . GLN A 1 31 ? 1.952  4.195   8.489   1.00 56.23  ? 560 GLN A C    1 
ATOM   519 O O    . GLN A 1 31 ? 2.132  4.737   9.579   1.00 51.08  ? 560 GLN A O    1 
ATOM   520 C CB   . GLN A 1 31 ? 3.105  2.076   7.857   1.00 53.25  ? 560 GLN A CB   1 
ATOM   521 C CG   . GLN A 1 31 ? 3.237  0.578   8.080   1.00 78.09  ? 560 GLN A CG   1 
ATOM   522 C CD   . GLN A 1 31 ? 4.555  0.024   7.566   1.00 83.30  ? 560 GLN A CD   1 
ATOM   523 O OE1  . GLN A 1 31 ? 5.605  0.650   7.713   1.00 86.07  ? 560 GLN A OE1  1 
ATOM   524 N NE2  . GLN A 1 31 ? 4.503  -1.153  6.953   1.00 76.01  ? 560 GLN A NE2  1 
ATOM   525 H H    . GLN A 1 31 ? 0.897  1.868   6.833   1.00 60.32  ? 560 GLN A H    1 
ATOM   526 H HA   . GLN A 1 31 ? 1.634  2.333   9.267   1.00 64.30  ? 560 GLN A HA   1 
ATOM   527 H HB2  . GLN A 1 31 ? 3.162  2.238   6.903   1.00 63.90  ? 560 GLN A HB2  1 
ATOM   528 H HB3  . GLN A 1 31 ? 3.850  2.507   8.306   1.00 63.90  ? 560 GLN A HB3  1 
ATOM   529 H HG2  . GLN A 1 31 ? 3.184  0.393   9.031   1.00 93.71  ? 560 GLN A HG2  1 
ATOM   530 H HG3  . GLN A 1 31 ? 2.517  0.124   7.614   1.00 93.71  ? 560 GLN A HG3  1 
ATOM   531 H HE21 . GLN A 1 31 ? 3.750  -1.559  6.865   1.00 91.22  ? 560 GLN A HE21 1 
ATOM   532 H HE22 . GLN A 1 31 ? 5.222  -1.509  6.643   1.00 91.22  ? 560 GLN A HE22 1 
ATOM   533 N N    . LEU A 1 32 ? 1.868  4.869   7.346   1.00 49.41  ? 561 LEU A N    1 
ATOM   534 C CA   . LEU A 1 32 ? 2.037  6.311   7.289   1.00 46.71  ? 561 LEU A CA   1 
ATOM   535 C C    . LEU A 1 32 ? 0.939  7.011   8.080   1.00 47.58  ? 561 LEU A C    1 
ATOM   536 O O    . LEU A 1 32 ? 1.192  8.005   8.759   1.00 50.71  ? 561 LEU A O    1 
ATOM   537 C CB   . LEU A 1 32 ? 2.037  6.788   5.835   1.00 45.79  ? 561 LEU A CB   1 
ATOM   538 C CG   . LEU A 1 32 ? 2.316  8.272   5.595   1.00 51.82  ? 561 LEU A CG   1 
ATOM   539 C CD1  . LEU A 1 32 ? 3.616  8.707   6.251   1.00 52.15  ? 561 LEU A CD1  1 
ATOM   540 C CD2  . LEU A 1 32 ? 2.352  8.562   4.104   1.00 50.72  ? 561 LEU A CD2  1 
ATOM   541 H H    . LEU A 1 32 ? 1.711  4.505   6.582   1.00 59.29  ? 561 LEU A H    1 
ATOM   542 H HA   . LEU A 1 32 ? 2.891  6.546   7.684   1.00 56.05  ? 561 LEU A HA   1 
ATOM   543 H HB2  . LEU A 1 32 ? 2.715  6.287   5.354   1.00 54.94  ? 561 LEU A HB2  1 
ATOM   544 H HB3  . LEU A 1 32 ? 1.166  6.594   5.454   1.00 54.94  ? 561 LEU A HB3  1 
ATOM   545 H HG   . LEU A 1 32 ? 1.597  8.794   5.983   1.00 62.18  ? 561 LEU A HG   1 
ATOM   546 H HD11 . LEU A 1 32 ? 3.756  9.651   6.076   1.00 62.58  ? 561 LEU A HD11 1 
ATOM   547 H HD12 . LEU A 1 32 ? 3.554  8.553   7.206   1.00 62.58  ? 561 LEU A HD12 1 
ATOM   548 H HD13 . LEU A 1 32 ? 4.346  8.189   5.878   1.00 62.58  ? 561 LEU A HD13 1 
ATOM   549 H HD21 . LEU A 1 32 ? 2.530  9.507   3.972   1.00 60.87  ? 561 LEU A HD21 1 
ATOM   550 H HD22 . LEU A 1 32 ? 3.054  8.032   3.696   1.00 60.87  ? 561 LEU A HD22 1 
ATOM   551 H HD23 . LEU A 1 32 ? 1.494  8.328   3.717   1.00 60.87  ? 561 LEU A HD23 1 
ATOM   552 N N    . ALA A 1 33 ? -0.277 6.483   7.998   1.00 40.74  ? 562 ALA A N    1 
ATOM   553 C CA   . ALA A 1 33 ? -1.397 7.039   8.747   1.00 44.39  ? 562 ALA A CA   1 
ATOM   554 C C    . ALA A 1 33 ? -1.153 6.894   10.244  1.00 50.48  ? 562 ALA A C    1 
ATOM   555 O O    . ALA A 1 33 ? -1.389 7.824   11.012  1.00 45.62  ? 562 ALA A O    1 
ATOM   556 C CB   . ALA A 1 33 ? -2.692 6.360   8.350   1.00 42.99  ? 562 ALA A CB   1 
ATOM   557 H H    . ALA A 1 33 ? -0.479 5.800   7.516   1.00 48.89  ? 562 ALA A H    1 
ATOM   558 H HA   . ALA A 1 33 ? -1.476 7.984   8.544   1.00 53.26  ? 562 ALA A HA   1 
ATOM   559 H HB1  . ALA A 1 33 ? -3.420 6.748   8.862   1.00 51.59  ? 562 ALA A HB1  1 
ATOM   560 H HB2  . ALA A 1 33 ? -2.843 6.497   7.403   1.00 51.59  ? 562 ALA A HB2  1 
ATOM   561 H HB3  . ALA A 1 33 ? -2.622 5.411   8.542   1.00 51.59  ? 562 ALA A HB3  1 
ATOM   562 N N    . ASN A 1 34 ? -0.676 5.720   10.649  1.00 49.66  ? 563 ASN A N    1 
ATOM   563 C CA   . ASN A 1 34 ? -0.362 5.460   12.048  1.00 47.92  ? 563 ASN A CA   1 
ATOM   564 C C    . ASN A 1 34 ? 0.748  6.370   12.559  1.00 55.72  ? 563 ASN A C    1 
ATOM   565 O O    . ASN A 1 34 ? 0.651  6.929   13.653  1.00 52.21  ? 563 ASN A O    1 
ATOM   566 C CB   . ASN A 1 34 ? 0.044  3.996   12.244  1.00 60.42  ? 563 ASN A CB   1 
ATOM   567 C CG   . ASN A 1 34 ? -1.103 3.030   11.995  1.00 88.27  ? 563 ASN A CG   1 
ATOM   568 O OD1  . ASN A 1 34 ? -2.273 3.408   12.049  1.00 91.39  ? 563 ASN A OD1  1 
ATOM   569 N ND2  . ASN A 1 34 ? -0.767 1.772   11.733  1.00 85.69  ? 563 ASN A ND2  1 
ATOM   570 H H    . ASN A 1 34 ? -0.525 5.054   10.127  1.00 59.59  ? 563 ASN A H    1 
ATOM   571 H HA   . ASN A 1 34 ? -1.153 5.625   12.584  1.00 57.51  ? 563 ASN A HA   1 
ATOM   572 H HB2  . ASN A 1 34 ? 0.757  3.781   11.623  1.00 72.51  ? 563 ASN A HB2  1 
ATOM   573 H HB3  . ASN A 1 34 ? 0.348  3.872   13.156  1.00 72.51  ? 563 ASN A HB3  1 
ATOM   574 H HD21 . ASN A 1 34 ? -1.378 1.185   11.585  1.00 102.83 ? 563 ASN A HD21 1 
ATOM   575 H HD22 . ASN A 1 34 ? 0.062  1.543   11.711  1.00 102.83 ? 563 ASN A HD22 1 
ATOM   576 N N    . GLU A 1 35 ? 1.804  6.516   11.763  1.00 45.01  ? 564 GLU A N    1 
ATOM   577 C CA   . GLU A 1 35 ? 2.939  7.350   12.145  1.00 49.74  ? 564 GLU A CA   1 
ATOM   578 C C    . GLU A 1 35 ? 2.528  8.812   12.291  1.00 48.27  ? 564 GLU A C    1 
ATOM   579 O O    . GLU A 1 35 ? 2.946  9.490   13.228  1.00 51.13  ? 564 GLU A O    1 
ATOM   580 C CB   . GLU A 1 35 ? 4.068  7.224   11.118  1.00 50.90  ? 564 GLU A CB   1 
ATOM   581 C CG   . GLU A 1 35 ? 4.829  5.909   11.187  1.00 56.59  ? 564 GLU A CG   1 
ATOM   582 C CD   . GLU A 1 35 ? 5.989  5.852   10.214  1.00 63.92  ? 564 GLU A CD   1 
ATOM   583 O OE1  . GLU A 1 35 ? 6.285  6.886   9.577   1.00 62.93  ? 564 GLU A OE1  1 
ATOM   584 O OE2  . GLU A 1 35 ? 6.606  4.773   10.087  1.00 71.47  ? 564 GLU A OE2  1 
ATOM   585 H H    . GLU A 1 35 ? 1.888  6.141   10.994  1.00 54.01  ? 564 GLU A H    1 
ATOM   586 H HA   . GLU A 1 35 ? 3.278  7.048   13.002  1.00 59.69  ? 564 GLU A HA   1 
ATOM   587 H HB2  . GLU A 1 35 ? 3.690  7.301   10.229  1.00 61.08  ? 564 GLU A HB2  1 
ATOM   588 H HB3  . GLU A 1 35 ? 4.705  7.942   11.267  1.00 61.08  ? 564 GLU A HB3  1 
ATOM   589 H HG2  . GLU A 1 35 ? 5.183  5.794   12.084  1.00 67.91  ? 564 GLU A HG2  1 
ATOM   590 H HG3  . GLU A 1 35 ? 4.222  5.182   10.975  1.00 67.91  ? 564 GLU A HG3  1 
ATOM   591 N N    . THR A 1 36 ? 1.710  9.295   11.361  1.00 41.49  ? 565 THR A N    1 
ATOM   592 C CA   . THR A 1 36 ? 1.244  10.678  11.401  1.00 48.99  ? 565 THR A CA   1 
ATOM   593 C C    . THR A 1 36 ? 0.313  10.914  12.588  1.00 50.03  ? 565 THR A C    1 
ATOM   594 O O    . THR A 1 36 ? 0.291  12.004  13.156  1.00 56.69  ? 565 THR A O    1 
ATOM   595 C CB   . THR A 1 36 ? 0.511  11.068  10.103  1.00 51.34  ? 565 THR A CB   1 
ATOM   596 O OG1  . THR A 1 36 ? -0.485 10.086  9.796   1.00 55.16  ? 565 THR A OG1  1 
ATOM   597 C CG2  . THR A 1 36 ? 1.491  11.174  8.942   1.00 55.93  ? 565 THR A CG2  1 
ATOM   598 H H    . THR A 1 36 ? 1.409  8.841   10.695  1.00 49.79  ? 565 THR A H    1 
ATOM   599 H HA   . THR A 1 36 ? 2.009  11.264  11.499  1.00 58.79  ? 565 THR A HA   1 
ATOM   600 H HB   . THR A 1 36 ? 0.085  11.932  10.222  1.00 61.61  ? 565 THR A HB   1 
ATOM   601 H HG1  . THR A 1 36 ? -0.126 9.334   9.692   1.00 66.19  ? 565 THR A HG1  1 
ATOM   602 H HG21 . THR A 1 36 ? 1.019  11.420  8.131   1.00 67.12  ? 565 THR A HG21 1 
ATOM   603 H HG22 . THR A 1 36 ? 2.162  11.848  9.134   1.00 67.12  ? 565 THR A HG22 1 
ATOM   604 H HG23 . THR A 1 36 ? 1.934  10.321  8.802   1.00 67.12  ? 565 THR A HG23 1 
ATOM   605 N N    . THR A 1 37 ? -0.455 9.894   12.959  1.00 45.47  ? 566 THR A N    1 
ATOM   606 C CA   . THR A 1 37 ? -1.310 9.978   14.137  1.00 50.28  ? 566 THR A CA   1 
ATOM   607 C C    . THR A 1 37 ? -0.445 10.028  15.392  1.00 50.51  ? 566 THR A C    1 
ATOM   608 O O    . THR A 1 37 ? -0.691 10.832  16.291  1.00 53.40  ? 566 THR A O    1 
ATOM   609 C CB   . THR A 1 37 ? -2.285 8.787   14.223  1.00 49.17  ? 566 THR A CB   1 
ATOM   610 O OG1  . THR A 1 37 ? -3.153 8.793   13.084  1.00 52.57  ? 566 THR A OG1  1 
ATOM   611 C CG2  . THR A 1 37 ? -3.125 8.859   15.491  1.00 54.54  ? 566 THR A CG2  1 
ATOM   612 H H    . THR A 1 37 ? -0.499 9.141   12.545  1.00 54.56  ? 566 THR A H    1 
ATOM   613 H HA   . THR A 1 37 ? -1.832 10.794  14.095  1.00 60.34  ? 566 THR A HA   1 
ATOM   614 H HB   . THR A 1 37 ? -1.779 7.959   14.238  1.00 59.00  ? 566 THR A HB   1 
ATOM   615 H HG1  . THR A 1 37 ? -3.686 8.145   13.125  1.00 63.08  ? 566 THR A HG1  1 
ATOM   616 H HG21 . THR A 1 37 ? -3.732 8.103   15.529  1.00 65.45  ? 566 THR A HG21 1 
ATOM   617 H HG22 . THR A 1 37 ? -2.549 8.841   16.271  1.00 65.45  ? 566 THR A HG22 1 
ATOM   618 H HG23 . THR A 1 37 ? -3.642 9.680   15.499  1.00 65.45  ? 566 THR A HG23 1 
ATOM   619 N N    . GLN A 1 38 ? 0.566  9.165   15.445  1.00 46.06  ? 567 GLN A N    1 
ATOM   620 C CA   . GLN A 1 38 ? 1.514  9.164   16.555  1.00 54.24  ? 567 GLN A CA   1 
ATOM   621 C C    . GLN A 1 38 ? 2.241  10.500  16.641  1.00 56.95  ? 567 GLN A C    1 
ATOM   622 O O    . GLN A 1 38 ? 2.395  11.064  17.722  1.00 59.34  ? 567 GLN A O    1 
ATOM   623 C CB   . GLN A 1 38 ? 2.532  8.032   16.403  1.00 51.43  ? 567 GLN A CB   1 
ATOM   624 C CG   . GLN A 1 38 ? 2.017  6.662   16.816  1.00 62.63  ? 567 GLN A CG   1 
ATOM   625 C CD   . GLN A 1 38 ? 3.137  5.654   17.000  1.00 77.01  ? 567 GLN A CD   1 
ATOM   626 O OE1  . GLN A 1 38 ? 4.236  5.827   16.473  1.00 80.44  ? 567 GLN A OE1  1 
ATOM   627 N NE2  . GLN A 1 38 ? 2.865  4.598   17.761  1.00 78.33  ? 567 GLN A NE2  1 
ATOM   628 H H    . GLN A 1 38 ? 0.727  8.568   14.848  1.00 55.27  ? 567 GLN A H    1 
ATOM   629 H HA   . GLN A 1 38 ? 1.032  9.029   17.385  1.00 65.09  ? 567 GLN A HA   1 
ATOM   630 H HB2  . GLN A 1 38 ? 2.799  7.977   15.471  1.00 61.71  ? 567 GLN A HB2  1 
ATOM   631 H HB3  . GLN A 1 38 ? 3.304  8.233   16.953  1.00 61.71  ? 567 GLN A HB3  1 
ATOM   632 H HG2  . GLN A 1 38 ? 1.543  6.743   17.658  1.00 75.16  ? 567 GLN A HG2  1 
ATOM   633 H HG3  . GLN A 1 38 ? 1.420  6.328   16.128  1.00 75.16  ? 567 GLN A HG3  1 
ATOM   634 H HE21 . GLN A 1 38 ? 2.087  4.515   18.118  1.00 93.99  ? 567 GLN A HE21 1 
ATOM   635 H HE22 . GLN A 1 38 ? 3.467  3.999   17.895  1.00 93.99  ? 567 GLN A HE22 1 
ATOM   636 N N    . ALA A 1 39 ? 2.687  10.997  15.492  1.00 53.64  ? 568 ALA A N    1 
ATOM   637 C CA   . ALA A 1 39 ? 3.426  12.253  15.431  1.00 55.24  ? 568 ALA A CA   1 
ATOM   638 C C    . ALA A 1 39 ? 2.576  13.411  15.939  1.00 61.55  ? 568 ALA A C    1 
ATOM   639 O O    . ALA A 1 39 ? 3.080  14.323  16.595  1.00 67.64  ? 568 ALA A O    1 
ATOM   640 C CB   . ALA A 1 39 ? 3.889  12.524  14.010  1.00 63.58  ? 568 ALA A CB   1 
ATOM   641 H H    . ALA A 1 39 ? 2.572  10.623  14.726  1.00 64.36  ? 568 ALA A H    1 
ATOM   642 H HA   . ALA A 1 39 ? 4.211  12.185  15.996  1.00 66.28  ? 568 ALA A HA   1 
ATOM   643 H HB1  . ALA A 1 39 ? 4.377  13.362  13.992  1.00 76.30  ? 568 ALA A HB1  1 
ATOM   644 H HB2  . ALA A 1 39 ? 4.466  11.799  13.722  1.00 76.30  ? 568 ALA A HB2  1 
ATOM   645 H HB3  . ALA A 1 39 ? 3.113  12.580  13.430  1.00 76.30  ? 568 ALA A HB3  1 
ATOM   646 N N    . LEU A 1 40 ? 1.284  13.368  15.635  1.00 56.45  ? 569 LEU A N    1 
ATOM   647 C CA   . LEU A 1 40 ? 0.365  14.407  16.076  1.00 54.71  ? 569 LEU A CA   1 
ATOM   648 C C    . LEU A 1 40 ? 0.066  14.237  17.560  1.00 62.00  ? 569 LEU A C    1 
ATOM   649 O O    . LEU A 1 40 ? -0.132 15.216  18.277  1.00 62.09  ? 569 LEU A O    1 
ATOM   650 C CB   . LEU A 1 40 ? -0.923 14.367  15.250  1.00 54.56  ? 569 LEU A CB   1 
ATOM   651 C CG   . LEU A 1 40 ? -1.982 15.433  15.548  1.00 61.50  ? 569 LEU A CG   1 
ATOM   652 C CD1  . LEU A 1 40 ? -1.378 16.823  15.652  1.00 59.80  ? 569 LEU A CD1  1 
ATOM   653 C CD2  . LEU A 1 40 ? -3.056 15.410  14.471  1.00 65.89  ? 569 LEU A CD2  1 
ATOM   654 H H    . LEU A 1 40 ? 0.914  12.745  15.172  1.00 67.74  ? 569 LEU A H    1 
ATOM   655 H HA   . LEU A 1 40 ? 0.780  15.274  15.948  1.00 65.65  ? 569 LEU A HA   1 
ATOM   656 H HB2  . LEU A 1 40 ? -0.684 14.458  14.316  1.00 65.48  ? 569 LEU A HB2  1 
ATOM   657 H HB3  . LEU A 1 40 ? -1.342 13.504  15.389  1.00 65.48  ? 569 LEU A HB3  1 
ATOM   658 H HG   . LEU A 1 40 ? -2.406 15.227  16.396  1.00 73.80  ? 569 LEU A HG   1 
ATOM   659 H HD11 . LEU A 1 40 ? -2.084 17.460  15.841  1.00 71.76  ? 569 LEU A HD11 1 
ATOM   660 H HD12 . LEU A 1 40 ? -0.726 16.830  16.371  1.00 71.76  ? 569 LEU A HD12 1 
ATOM   661 H HD13 . LEU A 1 40 ? -0.947 17.044  14.812  1.00 71.76  ? 569 LEU A HD13 1 
ATOM   662 H HD21 . LEU A 1 40 ? -3.718 16.090  14.672  1.00 79.06  ? 569 LEU A HD21 1 
ATOM   663 H HD22 . LEU A 1 40 ? -2.644 15.594  13.611  1.00 79.06  ? 569 LEU A HD22 1 
ATOM   664 H HD23 . LEU A 1 40 ? -3.472 14.535  14.458  1.00 79.06  ? 569 LEU A HD23 1 
ATOM   665 N N    . GLN A 1 41 ? 0.045  12.990  18.020  1.00 55.06  ? 570 GLN A N    1 
ATOM   666 C CA   . GLN A 1 41 ? -0.155 12.709  19.438  1.00 63.42  ? 570 GLN A CA   1 
ATOM   667 C C    . GLN A 1 41 ? 0.987  13.280  20.274  1.00 63.97  ? 570 GLN A C    1 
ATOM   668 O O    . GLN A 1 41 ? 0.769  13.728  21.400  1.00 71.79  ? 570 GLN A O    1 
ATOM   669 C CB   . GLN A 1 41 ? -0.281 11.203  19.681  1.00 64.05  ? 570 GLN A CB   1 
ATOM   670 C CG   . GLN A 1 41 ? -1.687 10.660  19.483  1.00 59.24  ? 570 GLN A CG   1 
ATOM   671 C CD   . GLN A 1 41 ? -1.774 9.167   19.730  1.00 58.72  ? 570 GLN A CD   1 
ATOM   672 O OE1  . GLN A 1 41 ? -0.904 8.404   19.310  1.00 64.61  ? 570 GLN A OE1  1 
ATOM   673 N NE2  . GLN A 1 41 ? -2.827 8.741   20.419  1.00 62.82  ? 570 GLN A NE2  1 
ATOM   674 H H    . GLN A 1 41 ? 0.144  12.289  17.533  1.00 66.07  ? 570 GLN A H    1 
ATOM   675 H HA   . GLN A 1 41 ? -0.979 13.129  19.729  1.00 76.11  ? 570 GLN A HA   1 
ATOM   676 H HB2  . GLN A 1 41 ? 0.306  10.738  19.066  1.00 76.86  ? 570 GLN A HB2  1 
ATOM   677 H HB3  . GLN A 1 41 ? -0.016 11.013  20.595  1.00 76.86  ? 570 GLN A HB3  1 
ATOM   678 H HG2  . GLN A 1 41 ? -2.288 11.102  20.103  1.00 71.09  ? 570 GLN A HG2  1 
ATOM   679 H HG3  . GLN A 1 41 ? -1.966 10.831  18.570  1.00 71.09  ? 570 GLN A HG3  1 
ATOM   680 H HE21 . GLN A 1 41 ? -3.413 9.304   20.699  1.00 75.38  ? 570 GLN A HE21 1 
ATOM   681 H HE22 . GLN A 1 41 ? -2.921 7.903   20.584  1.00 75.38  ? 570 GLN A HE22 1 
ATOM   682 N N    . LEU A 1 42 ? 2.200  13.260  19.725  1.00 57.44  ? 571 LEU A N    1 
ATOM   683 C CA   . LEU A 1 42 ? 3.353  13.852  20.402  1.00 66.41  ? 571 LEU A CA   1 
ATOM   684 C C    . LEU A 1 42 ? 3.117  15.338  20.626  1.00 69.61  ? 571 LEU A C    1 
ATOM   685 O O    . LEU A 1 42 ? 3.268  15.839  21.740  1.00 69.24  ? 571 LEU A O    1 
ATOM   686 C CB   . LEU A 1 42 ? 4.640  13.655  19.592  1.00 64.34  ? 571 LEU A CB   1 
ATOM   687 C CG   . LEU A 1 42 ? 5.311  12.278  19.552  1.00 73.07  ? 571 LEU A CG   1 
ATOM   688 C CD1  . LEU A 1 42 ? 6.746  12.439  19.072  1.00 71.04  ? 571 LEU A CD1  1 
ATOM   689 C CD2  . LEU A 1 42 ? 5.278  11.568  20.899  1.00 70.52  ? 571 LEU A CD2  1 
ATOM   690 H H    . LEU A 1 42 ? 2.382  12.909  18.961  1.00 68.93  ? 571 LEU A H    1 
ATOM   691 H HA   . LEU A 1 42 ? 3.468  13.429  21.266  1.00 79.69  ? 571 LEU A HA   1 
ATOM   692 H HB2  . LEU A 1 42 ? 4.445  13.892  18.673  1.00 77.20  ? 571 LEU A HB2  1 
ATOM   693 H HB3  . LEU A 1 42 ? 5.300  14.273  19.941  1.00 77.20  ? 571 LEU A HB3  1 
ATOM   694 H HG   . LEU A 1 42 ? 4.844  11.720  18.911  1.00 87.69  ? 571 LEU A HG   1 
ATOM   695 H HD11 . LEU A 1 42 ? 7.170  11.566  19.046  1.00 85.25  ? 571 LEU A HD11 1 
ATOM   696 H HD12 . LEU A 1 42 ? 6.739  12.830  18.184  1.00 85.25  ? 571 LEU A HD12 1 
ATOM   697 H HD13 . LEU A 1 42 ? 7.222  13.021  19.685  1.00 85.25  ? 571 LEU A HD13 1 
ATOM   698 H HD21 . LEU A 1 42 ? 5.716  10.706  20.812  1.00 84.62  ? 571 LEU A HD21 1 
ATOM   699 H HD22 . LEU A 1 42 ? 5.743  12.111  21.553  1.00 84.62  ? 571 LEU A HD22 1 
ATOM   700 H HD23 . LEU A 1 42 ? 4.354  11.444  21.167  1.00 84.62  ? 571 LEU A HD23 1 
ATOM   701 N N    . PHE A 1 43 ? 2.752  16.035  19.554  1.00 60.72  ? 572 PHE A N    1 
ATOM   702 C CA   . PHE A 1 43 ? 2.454  17.460  19.613  1.00 68.25  ? 572 PHE A CA   1 
ATOM   703 C C    . PHE A 1 43 ? 1.363  17.763  20.634  1.00 73.65  ? 572 PHE A C    1 
ATOM   704 O O    . PHE A 1 43 ? 1.477  18.704  21.418  1.00 75.20  ? 572 PHE A O    1 
ATOM   705 C CB   . PHE A 1 43 ? 2.030  17.971  18.236  1.00 59.79  ? 572 PHE A CB   1 
ATOM   706 C CG   . PHE A 1 43 ? 1.270  19.262  18.278  1.00 71.51  ? 572 PHE A CG   1 
ATOM   707 C CD1  . PHE A 1 43 ? 1.937  20.471  18.348  1.00 80.24  ? 572 PHE A CD1  1 
ATOM   708 C CD2  . PHE A 1 43 ? -0.114 19.267  18.251  1.00 71.05  ? 572 PHE A CD2  1 
ATOM   709 C CE1  . PHE A 1 43 ? 1.241  21.661  18.391  1.00 77.79  ? 572 PHE A CE1  1 
ATOM   710 C CE2  . PHE A 1 43 ? -0.818 20.454  18.292  1.00 73.43  ? 572 PHE A CE2  1 
ATOM   711 C CZ   . PHE A 1 43 ? -0.139 21.653  18.363  1.00 76.36  ? 572 PHE A CZ   1 
ATOM   712 H H    . PHE A 1 43 ? 2.667  15.696  18.768  1.00 72.87  ? 572 PHE A H    1 
ATOM   713 H HA   . PHE A 1 43 ? 3.254  17.939  19.878  1.00 81.90  ? 572 PHE A HA   1 
ATOM   714 H HB2  . PHE A 1 43 ? 2.824  18.112  17.697  1.00 71.75  ? 572 PHE A HB2  1 
ATOM   715 H HB3  . PHE A 1 43 ? 1.462  17.306  17.817  1.00 71.75  ? 572 PHE A HB3  1 
ATOM   716 H HD1  . PHE A 1 43 ? 2.867  20.483  18.368  1.00 96.29  ? 572 PHE A HD1  1 
ATOM   717 H HD2  . PHE A 1 43 ? -0.577 18.461  18.204  1.00 85.26  ? 572 PHE A HD2  1 
ATOM   718 H HE1  . PHE A 1 43 ? 1.700  22.468  18.437  1.00 93.34  ? 572 PHE A HE1  1 
ATOM   719 H HE2  . PHE A 1 43 ? -1.747 20.445  18.273  1.00 88.12  ? 572 PHE A HE2  1 
ATOM   720 H HZ   . PHE A 1 43 ? -0.611 22.454  18.390  1.00 91.63  ? 572 PHE A HZ   1 
ATOM   721 N N    . LEU A 1 44 ? 0.304  16.960  20.613  1.00 74.00  ? 573 LEU A N    1 
ATOM   722 C CA   . LEU A 1 44 ? -0.803 17.124  21.548  1.00 77.51  ? 573 LEU A CA   1 
ATOM   723 C C    . LEU A 1 44 ? -0.340 16.880  22.982  1.00 74.31  ? 573 LEU A C    1 
ATOM   724 O O    . LEU A 1 44 ? -0.941 17.382  23.928  1.00 75.74  ? 573 LEU A O    1 
ATOM   725 C CB   . LEU A 1 44 ? -1.949 16.173  21.191  1.00 69.06  ? 573 LEU A CB   1 
ATOM   726 C CG   . LEU A 1 44 ? -2.666 16.458  19.867  1.00 66.19  ? 573 LEU A CG   1 
ATOM   727 C CD1  . LEU A 1 44 ? -3.555 15.291  19.476  1.00 64.39  ? 573 LEU A CD1  1 
ATOM   728 C CD2  . LEU A 1 44 ? -3.478 17.739  19.959  1.00 58.59  ? 573 LEU A CD2  1 
ATOM   729 H H    . LEU A 1 44 ? 0.201  16.308  20.063  1.00 88.80  ? 573 LEU A H    1 
ATOM   730 H HA   . LEU A 1 44 ? -1.136 18.033  21.489  1.00 93.01  ? 573 LEU A HA   1 
ATOM   731 H HB2  . LEU A 1 44 ? -1.593 15.272  21.139  1.00 82.87  ? 573 LEU A HB2  1 
ATOM   732 H HB3  . LEU A 1 44 ? -2.613 16.218  21.896  1.00 82.87  ? 573 LEU A HB3  1 
ATOM   733 H HG   . LEU A 1 44 ? -2.002 16.575  19.170  1.00 79.43  ? 573 LEU A HG   1 
ATOM   734 H HD11 . LEU A 1 44 ? -3.995 15.498  18.637  1.00 77.26  ? 573 LEU A HD11 1 
ATOM   735 H HD12 . LEU A 1 44 ? -3.008 14.496  19.376  1.00 77.26  ? 573 LEU A HD12 1 
ATOM   736 H HD13 . LEU A 1 44 ? -4.217 15.152  20.172  1.00 77.26  ? 573 LEU A HD13 1 
ATOM   737 H HD21 . LEU A 1 44 ? -3.919 17.894  19.110  1.00 70.30  ? 573 LEU A HD21 1 
ATOM   738 H HD22 . LEU A 1 44 ? -4.138 17.643  20.663  1.00 70.30  ? 573 LEU A HD22 1 
ATOM   739 H HD23 . LEU A 1 44 ? -2.882 18.477  20.163  1.00 70.30  ? 573 LEU A HD23 1 
ATOM   740 N N    . ARG A 1 45 ? 0.730  16.106  23.131  1.00 74.60  ? 574 ARG A N    1 
ATOM   741 C CA   . ARG A 1 45 ? 1.342  15.878  24.434  1.00 76.83  ? 574 ARG A CA   1 
ATOM   742 C C    . ARG A 1 45 ? 2.244  17.047  24.810  1.00 79.90  ? 574 ARG A C    1 
ATOM   743 O O    . ARG A 1 45 ? 2.357  17.405  25.982  1.00 86.35  ? 574 ARG A O    1 
ATOM   744 C CB   . ARG A 1 45 ? 2.147  14.576  24.428  1.00 77.82  ? 574 ARG A CB   1 
ATOM   745 C CG   . ARG A 1 45 ? 1.571  13.466  25.297  1.00 88.97  ? 574 ARG A CG   1 
ATOM   746 C CD   . ARG A 1 45 ? 0.115  13.169  24.962  1.00 91.90  ? 574 ARG A CD   1 
ATOM   747 N NE   . ARG A 1 45 ? -0.339 11.920  25.569  1.00 113.95 ? 574 ARG A NE   1 
ATOM   748 C CZ   . ARG A 1 45 ? -0.304 10.731  24.972  1.00 112.38 ? 574 ARG A CZ   1 
ATOM   749 N NH1  . ARG A 1 45 ? 0.161  10.608  23.735  1.00 92.32  ? 574 ARG A NH1  1 
ATOM   750 N NH2  . ARG A 1 45 ? -0.740 9.659   25.618  1.00 111.17 ? 574 ARG A NH2  1 
ATOM   751 H H    . ARG A 1 45 ? 1.123  15.697  22.484  1.00 89.52  ? 574 ARG A H    1 
ATOM   752 H HA   . ARG A 1 45 ? 0.646  15.803  25.105  1.00 92.19  ? 574 ARG A HA   1 
ATOM   753 H HB2  . ARG A 1 45 ? 2.192  14.244  23.518  1.00 93.39  ? 574 ARG A HB2  1 
ATOM   754 H HB3  . ARG A 1 45 ? 3.043  14.765  24.750  1.00 93.39  ? 574 ARG A HB3  1 
ATOM   755 H HG2  . ARG A 1 45 ? 2.084  12.655  25.158  1.00 106.77 ? 574 ARG A HG2  1 
ATOM   756 H HG3  . ARG A 1 45 ? 1.616  13.735  26.227  1.00 106.77 ? 574 ARG A HG3  1 
ATOM   757 H HD2  . ARG A 1 45 ? -0.443 13.888  25.297  1.00 110.28 ? 574 ARG A HD2  1 
ATOM   758 H HD3  . ARG A 1 45 ? 0.019  13.090  24.000  1.00 110.28 ? 574 ARG A HD3  1 
ATOM   759 H HE   . ARG A 1 45 ? -0.650 11.956  26.369  1.00 136.74 ? 574 ARG A HE   1 
ATOM   760 H HH11 . ARG A 1 45 ? 0.446  11.301  23.312  1.00 110.79 ? 574 ARG A HH11 1 
ATOM   761 H HH12 . ARG A 1 45 ? 0.179  9.835   23.357  1.00 110.79 ? 574 ARG A HH12 1 
ATOM   762 H HH21 . ARG A 1 45 ? -1.043 9.734   26.420  1.00 133.40 ? 574 ARG A HH21 1 
ATOM   763 H HH22 . ARG A 1 45 ? -0.721 8.889   25.235  1.00 133.40 ? 574 ARG A HH22 1 
ATOM   764 N N    . ALA A 1 46 ? 2.877  17.640  23.803  1.00 81.44  ? 575 ALA A N    1 
ATOM   765 C CA   . ALA A 1 46 ? 3.848  18.708  24.019  1.00 84.52  ? 575 ALA A CA   1 
ATOM   766 C C    . ALA A 1 46 ? 3.180  20.012  24.441  1.00 87.49  ? 575 ALA A C    1 
ATOM   767 O O    . ALA A 1 46 ? 3.703  20.732  25.292  1.00 91.35  ? 575 ALA A O    1 
ATOM   768 C CB   . ALA A 1 46 ? 4.668  18.929  22.759  1.00 82.86  ? 575 ALA A CB   1 
ATOM   769 H H    . ALA A 1 46 ? 2.760  17.441  22.975  1.00 97.72  ? 575 ALA A H    1 
ATOM   770 H HA   . ALA A 1 46 ? 4.455  18.442  24.726  1.00 101.42 ? 575 ALA A HA   1 
ATOM   771 H HB1  . ALA A 1 46 ? 5.307  19.641  22.919  1.00 99.43  ? 575 ALA A HB1  1 
ATOM   772 H HB2  . ALA A 1 46 ? 5.134  18.107  22.538  1.00 99.43  ? 575 ALA A HB2  1 
ATOM   773 H HB3  . ALA A 1 46 ? 4.072  19.176  22.034  1.00 99.43  ? 575 ALA A HB3  1 
ATOM   774 N N    . THR A 1 47 ? 2.029  20.312  23.850  1.00 80.24  ? 576 THR A N    1 
ATOM   775 C CA   . THR A 1 47 ? 1.318  21.553  24.150  1.00 85.10  ? 576 THR A CA   1 
ATOM   776 C C    . THR A 1 47 ? 0.455  21.421  25.408  1.00 88.46  ? 576 THR A C    1 
ATOM   777 O O    . THR A 1 47 ? -0.609 22.032  25.510  1.00 92.13  ? 576 THR A O    1 
ATOM   778 C CB   . THR A 1 47 ? 0.436  21.993  22.964  1.00 82.74  ? 576 THR A CB   1 
ATOM   779 O OG1  . THR A 1 47 ? -0.381 20.896  22.538  1.00 91.33  ? 576 THR A OG1  1 
ATOM   780 C CG2  . THR A 1 47 ? 1.302  22.461  21.801  1.00 80.38  ? 576 THR A CG2  1 
ATOM   781 H H    . THR A 1 47 ? 1.635  19.814  23.270  1.00 96.29  ? 576 THR A H    1 
ATOM   782 H HA   . THR A 1 47 ? 1.968  22.253  24.310  1.00 102.13 ? 576 THR A HA   1 
ATOM   783 H HB   . THR A 1 47 ? -0.131 22.729  23.240  1.00 99.29  ? 576 THR A HB   1 
ATOM   784 H HG1  . THR A 1 47 ? -0.875 20.643  23.168  1.00 109.59 ? 576 THR A HG1  1 
ATOM   785 H HG21 . THR A 1 47 ? 0.739  22.735  21.059  1.00 96.45  ? 576 THR A HG21 1 
ATOM   786 H HG22 . THR A 1 47 ? 1.849  23.212  22.076  1.00 96.45  ? 576 THR A HG22 1 
ATOM   787 H HG23 . THR A 1 47 ? 1.880  21.740  21.507  1.00 96.45  ? 576 THR A HG23 1 
ATOM   788 N N    . THR A 1 48 ? 0.919  20.606  26.351  1.00 86.80  ? 577 THR A N    1 
ATOM   789 C CA   . THR A 1 48 ? 0.356  20.563  27.695  1.00 78.58  ? 577 THR A CA   1 
ATOM   790 C C    . THR A 1 48 ? 1.484  20.561  28.726  1.00 82.18  ? 577 THR A C    1 
ATOM   791 O O    . THR A 1 48 ? 1.230  20.542  29.929  1.00 77.02  ? 577 THR A O    1 
ATOM   792 C CB   . THR A 1 48 ? -0.528 19.321  27.918  1.00 79.66  ? 577 THR A CB   1 
ATOM   793 O OG1  . THR A 1 48 ? 0.293  18.202  28.275  1.00 79.62  ? 577 THR A OG1  1 
ATOM   794 C CG2  . THR A 1 48 ? -1.330 18.990  26.667  1.00 81.73  ? 577 THR A CG2  1 
ATOM   795 H H    . THR A 1 48 ? 1.572  20.058  26.234  1.00 104.16 ? 577 THR A H    1 
ATOM   796 H HA   . THR A 1 48 ? -0.188 21.353  27.839  1.00 94.29  ? 577 THR A HA   1 
ATOM   797 H HB   . THR A 1 48 ? -1.152 19.500  28.638  1.00 95.60  ? 577 THR A HB   1 
ATOM   798 H HG1  . THR A 1 48 ? 0.843  18.041  27.661  1.00 95.54  ? 577 THR A HG1  1 
ATOM   799 H HG21 . THR A 1 48 ? -1.881 18.207  26.825  1.00 98.07  ? 577 THR A HG21 1 
ATOM   800 H HG22 . THR A 1 48 ? -1.904 19.737  26.435  1.00 98.07  ? 577 THR A HG22 1 
ATOM   801 H HG23 . THR A 1 48 ? -0.731 18.811  25.926  1.00 98.07  ? 577 THR A HG23 1 
ATOM   802 N N    . GLU A 1 49 ? 2.727  20.583  28.246  1.00 89.13  ? 578 GLU A N    1 
ATOM   803 C CA   . GLU A 1 49 ? 3.897  20.525  29.118  1.00 98.94  ? 578 GLU A CA   1 
ATOM   804 C C    . GLU A 1 49 ? 4.088  21.813  29.910  1.00 81.31  ? 578 GLU A C    1 
ATOM   805 O O    . GLU A 1 49 ? 3.454  22.830  29.627  1.00 67.22  ? 578 GLU A O    1 
ATOM   806 C CB   . GLU A 1 49 ? 5.158  20.234  28.299  1.00 93.07  ? 578 GLU A CB   1 
ATOM   807 C CG   . GLU A 1 49 ? 5.312  18.781  27.888  1.00 91.23  ? 578 GLU A CG   1 
ATOM   808 C CD   . GLU A 1 49 ? 6.650  18.501  27.232  1.00 95.79  ? 578 GLU A CD   1 
ATOM   809 O OE1  . GLU A 1 49 ? 7.317  19.467  26.805  1.00 92.52  ? 578 GLU A OE1  1 
ATOM   810 O OE2  . GLU A 1 49 ? 7.035  17.317  27.148  1.00 99.47  ? 578 GLU A OE2  1 
ATOM   811 H H    . GLU A 1 49 ? 2.920  20.632  27.409  1.00 106.95 ? 578 GLU A H    1 
ATOM   812 H HA   . GLU A 1 49 ? 3.780  19.800  29.752  1.00 118.72 ? 578 GLU A HA   1 
ATOM   813 H HB2  . GLU A 1 49 ? 5.133  20.768  27.490  1.00 111.69 ? 578 GLU A HB2  1 
ATOM   814 H HB3  . GLU A 1 49 ? 5.935  20.474  28.827  1.00 111.69 ? 578 GLU A HB3  1 
ATOM   815 H HG2  . GLU A 1 49 ? 5.240  18.219  28.675  1.00 109.48 ? 578 GLU A HG2  1 
ATOM   816 H HG3  . GLU A 1 49 ? 4.613  18.555  27.254  1.00 109.48 ? 578 GLU A HG3  1 
HETATM 817 N N    . NH2 A 1 50 ? 4.976  21.762  30.897  1.00 74.27  ? 579 NH2 A N    1 
HETATM 818 H HN1  . NH2 A 1 50 ? 5.473  20.897  31.088  1.00 89.13  ? 579 NH2 A HN1  1 
HETATM 819 H HN2  . NH2 A 1 50 ? 5.153  22.584  31.464  1.00 89.13  ? 579 NH2 A HN2  1 
HETATM 820 O O    . HOH B 2 .  ? -0.430 -10.369 -23.156 1.00 52.88  ? 601 HOH A O    1 
HETATM 821 O O    . HOH B 2 .  ? -5.448 4.740   12.862  1.00 63.59  ? 602 HOH A O    1 
HETATM 822 O O    . HOH B 2 .  ? -4.820 7.031   12.041  1.00 66.30  ? 603 HOH A O    1 
HETATM 823 O O    . HOH B 2 .  ? 3.725  18.259  14.733  0.33 62.18  ? 604 HOH A O    1 
HETATM 824 O O    . HOH B 2 .  ? 3.117  -11.967 -11.488 1.00 54.00  ? 605 HOH A O    1 
HETATM 825 O O    . HOH B 2 .  ? -3.119 11.190  10.195  1.00 59.43  ? 606 HOH A O    1 
# 
